data_8U99
#
_entry.id   8U99
#
_cell.length_a   87.814
_cell.length_b   131.172
_cell.length_c   82.672
_cell.angle_alpha   90.00
_cell.angle_beta   103.93
_cell.angle_gamma   90.00
#
_symmetry.space_group_name_H-M   'C 1 2 1'
#
loop_
_entity.id
_entity.type
_entity.pdbx_description
1 polymer 'Cystathionine beta-lyase'
2 non-polymer "PYRIDOXAL-5'-PHOSPHATE"
3 non-polymer SERINE
4 non-polymer (4S)-2-METHYL-2,4-PENTANEDIOL
5 non-polymer 'CHLORIDE ION'
6 water water
#
_entity_poly.entity_id   1
_entity_poly.type   'polypeptide(L)'
_entity_poly.pdbx_seq_one_letter_code
;MAHHHHHHMADKHLDTALVNAGRRKKYTQGSVNSVIQRASSLVFDTVEAKKHATRNRAKGELFYGRRGTLTHFSLQEAMC
ELEGGAGCALFPCGAAAVANTILAFVEQGDHVLMTNTAYEPSQDFCTKILAKLGVTTGWFDPLIGADIANLIQPNTKVVF
LESPGSITMEVHDVPAIVAAVRRVAPEAIIMIDNTWAAGVLFKALDFGIDISIQAATKYLIGHSDGMIGTAVANARCWEQ
LCENAYLMGQMIDADTAYMTSRGLRTLGVRLRQHHESSLRVAEWLAQHPQVARVNHPALPGSKGHEFWKRDFSGSSGLFS
FVLNKRLTDAELAAYLDNFSLFSMAYSWGGFESLILANQPEHIAAIRPEAEVDFSGTLIRLHIGLENVDDLLADLAAGFA
RIV
;
_entity_poly.pdbx_strand_id   A,B
#
loop_
_chem_comp.id
_chem_comp.type
_chem_comp.name
_chem_comp.formula
CL non-polymer 'CHLORIDE ION' 'Cl -1'
MPD non-polymer (4S)-2-METHYL-2,4-PENTANEDIOL 'C6 H14 O2'
PLP non-polymer PYRIDOXAL-5'-PHOSPHATE 'C8 H10 N O6 P'
#
# COMPACT_ATOMS: atom_id res chain seq x y z
N HIS A 13 -8.50 -8.63 -14.99
CA HIS A 13 -7.18 -9.24 -14.91
C HIS A 13 -6.10 -8.20 -14.55
N LEU A 14 -6.40 -6.90 -14.63
CA LEU A 14 -5.42 -5.88 -14.22
C LEU A 14 -4.98 -6.08 -12.78
N ASP A 15 -5.91 -6.35 -11.89
CA ASP A 15 -5.52 -6.51 -10.50
C ASP A 15 -4.57 -7.68 -10.34
N THR A 16 -4.78 -8.74 -11.14
CA THR A 16 -3.87 -9.87 -11.07
C THR A 16 -2.51 -9.48 -11.68
N ALA A 17 -2.51 -8.67 -12.74
CA ALA A 17 -1.26 -8.24 -13.35
C ALA A 17 -0.48 -7.32 -12.40
N LEU A 18 -1.17 -6.39 -11.74
CA LEU A 18 -0.51 -5.49 -10.82
C LEU A 18 0.20 -6.26 -9.71
N VAL A 19 -0.43 -7.33 -9.24
CA VAL A 19 0.15 -8.14 -8.18
C VAL A 19 1.37 -8.91 -8.65
N ASN A 20 1.43 -9.29 -9.93
CA ASN A 20 2.45 -10.22 -10.39
C ASN A 20 3.51 -9.60 -11.28
N ALA A 21 3.30 -8.38 -11.77
CA ALA A 21 4.16 -7.82 -12.79
C ALA A 21 5.60 -7.66 -12.28
N GLY A 22 6.57 -8.12 -13.08
CA GLY A 22 7.99 -8.11 -12.73
C GLY A 22 8.44 -9.11 -11.68
N ARG A 23 7.56 -9.91 -11.09
CA ARG A 23 7.97 -10.75 -9.96
C ARG A 23 8.30 -12.15 -10.47
N ARG A 24 9.52 -12.32 -10.97
CA ARG A 24 10.03 -13.59 -11.44
C ARG A 24 11.16 -14.03 -10.54
N LYS A 25 11.44 -15.34 -10.55
CA LYS A 25 12.38 -15.88 -9.57
C LYS A 25 13.79 -15.32 -9.76
N LYS A 26 14.21 -15.02 -10.99
N LYS A 26 14.18 -15.05 -11.01
CA LYS A 26 15.56 -14.49 -11.11
CA LYS A 26 15.45 -14.39 -11.30
C LYS A 26 15.71 -13.16 -10.37
C LYS A 26 15.67 -13.21 -10.36
N TYR A 27 14.61 -12.45 -10.11
CA TYR A 27 14.67 -11.22 -9.32
C TYR A 27 14.34 -11.43 -7.85
N THR A 28 13.40 -12.31 -7.55
CA THR A 28 12.95 -12.46 -6.18
C THR A 28 13.80 -13.44 -5.37
N GLN A 29 14.34 -14.46 -6.05
CA GLN A 29 15.26 -15.42 -5.42
C GLN A 29 14.65 -16.04 -4.18
N GLY A 30 13.35 -16.22 -4.21
CA GLY A 30 12.62 -16.97 -3.21
C GLY A 30 11.72 -16.12 -2.35
N SER A 31 11.87 -14.80 -2.36
CA SER A 31 10.95 -13.99 -1.59
C SER A 31 9.79 -13.58 -2.47
N VAL A 32 8.81 -12.93 -1.87
CA VAL A 32 7.66 -12.45 -2.64
C VAL A 32 8.06 -11.31 -3.55
N ASN A 33 8.79 -10.35 -3.01
CA ASN A 33 9.24 -9.16 -3.71
C ASN A 33 10.64 -9.36 -4.27
N SER A 34 11.00 -8.54 -5.25
N SER A 34 11.00 -8.52 -5.23
CA SER A 34 12.36 -8.58 -5.76
CA SER A 34 12.38 -8.54 -5.75
C SER A 34 13.36 -8.29 -4.64
C SER A 34 13.37 -8.29 -4.62
N VAL A 35 14.55 -8.90 -4.75
CA VAL A 35 15.64 -8.48 -3.86
C VAL A 35 16.01 -7.04 -4.17
N ILE A 36 16.63 -6.38 -3.19
N ILE A 36 16.65 -6.39 -3.19
CA ILE A 36 17.22 -5.08 -3.35
CA ILE A 36 17.22 -5.06 -3.36
C ILE A 36 18.72 -5.33 -3.55
C ILE A 36 18.72 -5.28 -3.54
N GLN A 37 19.18 -5.08 -4.76
CA GLN A 37 20.58 -5.26 -5.12
C GLN A 37 21.14 -3.85 -5.29
N ARG A 38 21.90 -3.42 -4.31
CA ARG A 38 22.49 -2.09 -4.30
C ARG A 38 23.89 -2.21 -4.91
N ALA A 39 24.17 -1.46 -5.97
CA ALA A 39 25.47 -1.64 -6.60
C ALA A 39 25.81 -0.51 -7.55
N SER A 40 27.09 -0.13 -7.55
CA SER A 40 27.73 0.45 -8.72
C SER A 40 28.45 -0.70 -9.41
N SER A 41 29.59 -1.16 -8.83
CA SER A 41 30.32 -2.30 -9.39
C SER A 41 29.45 -3.55 -9.49
N LEU A 42 29.51 -4.20 -10.66
CA LEU A 42 28.94 -5.52 -10.88
C LEU A 42 30.03 -6.41 -11.45
N VAL A 43 30.23 -7.56 -10.84
CA VAL A 43 31.49 -8.30 -10.98
C VAL A 43 31.36 -9.26 -12.15
N PHE A 44 32.41 -9.28 -12.99
CA PHE A 44 32.53 -10.24 -14.07
C PHE A 44 33.46 -11.37 -13.65
N ASP A 45 32.96 -12.61 -13.65
CA ASP A 45 33.81 -13.71 -13.23
C ASP A 45 34.92 -14.01 -14.22
N THR A 46 34.67 -13.77 -15.51
CA THR A 46 35.65 -14.07 -16.55
C THR A 46 35.56 -13.00 -17.61
N VAL A 47 36.60 -12.94 -18.44
CA VAL A 47 36.56 -12.08 -19.62
C VAL A 47 35.35 -12.38 -20.48
N GLU A 48 35.02 -13.66 -20.68
CA GLU A 48 33.85 -13.98 -21.50
C GLU A 48 32.55 -13.48 -20.86
N ALA A 49 32.42 -13.61 -19.54
CA ALA A 49 31.27 -13.03 -18.87
C ALA A 49 31.22 -11.53 -19.08
N LYS A 50 32.38 -10.86 -19.06
CA LYS A 50 32.37 -9.41 -19.23
C LYS A 50 31.94 -9.04 -20.65
N LYS A 51 32.43 -9.77 -21.66
CA LYS A 51 32.00 -9.56 -23.05
C LYS A 51 30.50 -9.74 -23.21
N HIS A 52 29.97 -10.84 -22.68
CA HIS A 52 28.54 -11.10 -22.74
C HIS A 52 27.73 -9.98 -22.07
N ALA A 53 28.15 -9.56 -20.87
CA ALA A 53 27.47 -8.49 -20.16
C ALA A 53 27.48 -7.19 -20.96
N THR A 54 28.62 -6.89 -21.60
CA THR A 54 28.73 -5.68 -22.42
C THR A 54 27.75 -5.73 -23.58
N ARG A 55 27.68 -6.86 -24.28
N ARG A 55 27.69 -6.86 -24.27
CA ARG A 55 26.74 -6.99 -25.39
CA ARG A 55 26.75 -7.02 -25.37
C ARG A 55 25.30 -6.79 -24.95
C ARG A 55 25.32 -6.76 -24.93
N ASN A 56 24.97 -7.21 -23.73
CA ASN A 56 23.60 -7.22 -23.24
C ASN A 56 23.38 -6.19 -22.15
N ARG A 57 24.20 -5.13 -22.13
CA ARG A 57 24.13 -4.18 -21.03
C ARG A 57 22.85 -3.37 -21.01
N ALA A 58 22.11 -3.32 -22.11
CA ALA A 58 20.82 -2.65 -22.12
C ALA A 58 19.66 -3.65 -22.18
N LYS A 59 19.97 -4.94 -21.99
CA LYS A 59 19.00 -6.00 -22.19
C LYS A 59 18.87 -6.91 -20.97
N GLY A 60 19.16 -6.39 -19.78
CA GLY A 60 18.90 -7.13 -18.55
C GLY A 60 19.96 -8.10 -18.11
N GLU A 61 21.19 -8.01 -18.63
CA GLU A 61 22.32 -8.67 -17.98
C GLU A 61 23.04 -7.65 -17.10
N LEU A 62 23.45 -8.11 -15.92
CA LEU A 62 24.22 -7.28 -14.98
C LEU A 62 25.53 -6.80 -15.61
N PHE A 63 25.69 -5.49 -15.67
CA PHE A 63 26.84 -4.87 -16.31
C PHE A 63 27.44 -3.75 -15.47
N TYR A 64 26.62 -2.76 -15.12
CA TYR A 64 27.07 -1.63 -14.31
C TYR A 64 25.85 -0.98 -13.68
N GLY A 65 26.04 -0.46 -12.46
CA GLY A 65 24.92 0.02 -11.68
C GLY A 65 24.12 1.13 -12.38
N ARG A 66 24.77 1.89 -13.27
CA ARG A 66 24.10 2.99 -13.95
C ARG A 66 23.07 2.45 -14.93
N ARG A 67 23.34 1.24 -15.49
CA ARG A 67 22.38 0.51 -16.32
C ARG A 67 21.31 -0.21 -15.50
N GLY A 68 21.61 -0.57 -14.24
CA GLY A 68 20.63 -1.15 -13.35
C GLY A 68 21.11 -2.45 -12.72
N THR A 69 20.46 -2.88 -11.65
CA THR A 69 20.69 -4.16 -10.98
C THR A 69 19.43 -4.98 -11.18
N LEU A 70 19.37 -6.15 -10.56
CA LEU A 70 18.18 -6.96 -10.63
C LEU A 70 16.93 -6.20 -10.20
N THR A 71 17.07 -5.31 -9.22
CA THR A 71 15.92 -4.57 -8.70
C THR A 71 15.32 -3.66 -9.76
N HIS A 72 16.19 -2.96 -10.49
CA HIS A 72 15.72 -2.15 -11.61
C HIS A 72 15.10 -3.01 -12.71
N PHE A 73 15.76 -4.12 -13.07
CA PHE A 73 15.25 -4.94 -14.17
C PHE A 73 13.83 -5.41 -13.86
N SER A 74 13.58 -5.74 -12.60
CA SER A 74 12.26 -6.21 -12.17
C SER A 74 11.21 -5.12 -12.38
N LEU A 75 11.50 -3.91 -11.89
CA LEU A 75 10.57 -2.79 -12.12
C LEU A 75 10.38 -2.52 -13.59
N GLN A 76 11.47 -2.52 -14.36
CA GLN A 76 11.36 -2.24 -15.79
C GLN A 76 10.46 -3.25 -16.47
N GLU A 77 10.61 -4.54 -16.16
CA GLU A 77 9.74 -5.54 -16.75
C GLU A 77 8.29 -5.28 -16.37
N ALA A 78 8.05 -4.91 -15.11
CA ALA A 78 6.69 -4.65 -14.65
C ALA A 78 6.05 -3.52 -15.43
N MET A 79 6.79 -2.40 -15.57
CA MET A 79 6.24 -1.26 -16.28
C MET A 79 5.98 -1.57 -17.75
N CYS A 80 6.90 -2.31 -18.39
CA CYS A 80 6.66 -2.66 -19.80
C CYS A 80 5.41 -3.53 -19.94
N GLU A 81 5.21 -4.46 -19.02
CA GLU A 81 4.02 -5.29 -19.06
C GLU A 81 2.76 -4.47 -18.85
N LEU A 82 2.75 -3.64 -17.80
CA LEU A 82 1.53 -2.90 -17.47
C LEU A 82 1.16 -1.86 -18.50
N GLU A 83 2.16 -1.21 -19.13
CA GLU A 83 1.89 -0.18 -20.11
C GLU A 83 2.08 -0.64 -21.55
N GLY A 84 2.37 -1.93 -21.77
CA GLY A 84 2.48 -2.44 -23.13
C GLY A 84 3.62 -1.91 -23.98
N GLY A 85 4.79 -1.69 -23.40
CA GLY A 85 5.91 -1.12 -24.10
C GLY A 85 7.07 -2.08 -24.31
N ALA A 86 8.04 -1.58 -25.06
CA ALA A 86 9.25 -2.32 -25.39
C ALA A 86 10.36 -2.09 -24.38
N GLY A 87 10.36 -0.95 -23.71
CA GLY A 87 11.32 -0.71 -22.66
C GLY A 87 10.83 0.43 -21.78
N CYS A 88 11.45 0.51 -20.61
CA CYS A 88 11.11 1.49 -19.61
C CYS A 88 12.40 2.12 -19.08
N ALA A 89 12.57 3.42 -19.31
CA ALA A 89 13.66 4.17 -18.72
C ALA A 89 13.23 4.76 -17.39
N LEU A 90 14.20 4.84 -16.45
CA LEU A 90 13.97 5.32 -15.10
C LEU A 90 14.77 6.59 -14.85
N PHE A 91 14.22 7.44 -13.99
CA PHE A 91 14.69 8.79 -13.77
C PHE A 91 14.53 9.16 -12.30
N PRO A 92 15.28 10.18 -11.86
CA PRO A 92 15.21 10.62 -10.47
C PRO A 92 13.85 11.14 -10.04
N CYS A 93 13.07 11.69 -10.96
CA CYS A 93 11.73 12.14 -10.63
C CYS A 93 10.98 12.32 -11.94
N GLY A 94 9.72 12.69 -11.80
CA GLY A 94 8.88 12.89 -12.96
C GLY A 94 9.41 14.00 -13.85
N ALA A 95 9.79 15.12 -13.23
CA ALA A 95 10.27 16.26 -14.00
C ALA A 95 11.52 15.89 -14.82
N ALA A 96 12.39 15.04 -14.26
CA ALA A 96 13.57 14.57 -15.00
C ALA A 96 13.16 13.66 -16.14
N ALA A 97 12.12 12.83 -15.92
CA ALA A 97 11.62 11.96 -16.98
C ALA A 97 11.11 12.80 -18.16
N VAL A 98 10.34 13.84 -17.86
CA VAL A 98 9.81 14.69 -18.92
C VAL A 98 10.95 15.37 -19.67
N ALA A 99 11.82 16.04 -18.94
CA ALA A 99 12.89 16.81 -19.56
C ALA A 99 13.79 15.93 -20.40
N ASN A 100 14.17 14.78 -19.86
CA ASN A 100 15.14 13.95 -20.54
C ASN A 100 14.53 13.12 -21.64
N THR A 101 13.22 12.81 -21.56
CA THR A 101 12.59 12.13 -22.68
C THR A 101 12.43 13.07 -23.86
N ILE A 102 12.01 14.32 -23.63
CA ILE A 102 11.94 15.25 -24.76
C ILE A 102 13.33 15.46 -25.33
N LEU A 103 14.30 15.71 -24.47
CA LEU A 103 15.67 16.01 -24.93
C LEU A 103 16.25 14.88 -25.77
N ALA A 104 15.90 13.64 -25.42
CA ALA A 104 16.42 12.47 -26.11
C ALA A 104 15.99 12.43 -27.57
N PHE A 105 14.93 13.17 -27.96
CA PHE A 105 14.41 13.08 -29.33
C PHE A 105 14.52 14.38 -30.11
N VAL A 106 15.19 15.40 -29.58
CA VAL A 106 15.29 16.67 -30.30
C VAL A 106 16.75 17.04 -30.56
N GLU A 107 16.92 17.95 -31.50
CA GLU A 107 18.23 18.55 -31.80
C GLU A 107 17.96 19.92 -32.43
N GLN A 108 19.04 20.68 -32.60
CA GLN A 108 18.93 22.03 -33.14
C GLN A 108 18.09 22.01 -34.40
N GLY A 109 17.18 22.96 -34.48
CA GLY A 109 16.28 23.10 -35.61
C GLY A 109 14.95 22.40 -35.46
N ASP A 110 14.81 21.53 -34.47
CA ASP A 110 13.55 20.84 -34.24
C ASP A 110 12.51 21.74 -33.58
N HIS A 111 11.26 21.34 -33.72
CA HIS A 111 10.11 22.00 -33.12
C HIS A 111 9.29 21.00 -32.31
N VAL A 112 8.85 21.45 -31.14
CA VAL A 112 8.03 20.70 -30.19
C VAL A 112 6.66 21.36 -30.12
N LEU A 113 5.61 20.56 -30.19
N LEU A 113 5.60 20.56 -30.28
CA LEU A 113 4.23 21.03 -30.05
CA LEU A 113 4.24 21.01 -30.03
C LEU A 113 3.67 20.44 -28.77
C LEU A 113 3.80 20.43 -28.70
N MET A 114 3.43 21.31 -27.78
CA MET A 114 3.00 20.91 -26.44
C MET A 114 1.66 21.54 -26.08
N THR A 115 0.84 20.77 -25.38
CA THR A 115 -0.43 21.27 -24.89
C THR A 115 -0.21 22.39 -23.88
N ASN A 116 -1.04 23.42 -23.97
CA ASN A 116 -0.83 24.60 -23.13
C ASN A 116 -1.26 24.33 -21.68
N THR A 117 -1.78 23.14 -21.40
CA THR A 117 -2.13 22.70 -20.08
C THR A 117 -1.05 21.80 -19.47
N ALA A 118 0.12 21.74 -20.08
CA ALA A 118 1.19 20.91 -19.54
C ALA A 118 1.62 21.41 -18.17
N TYR A 119 2.06 20.48 -17.33
CA TYR A 119 2.70 20.79 -16.06
C TYR A 119 3.72 21.90 -16.23
N GLU A 120 3.71 22.88 -15.31
CA GLU A 120 4.48 24.09 -15.54
C GLU A 120 5.97 23.81 -15.67
N PRO A 121 6.60 22.97 -14.84
CA PRO A 121 8.04 22.69 -15.05
C PRO A 121 8.32 22.07 -16.41
N SER A 122 7.36 21.34 -16.99
CA SER A 122 7.55 20.82 -18.33
C SER A 122 7.61 21.97 -19.34
N GLN A 123 6.73 22.98 -19.18
CA GLN A 123 6.77 24.14 -20.05
C GLN A 123 8.08 24.91 -19.88
N ASP A 124 8.51 25.12 -18.62
CA ASP A 124 9.74 25.86 -18.36
C ASP A 124 10.96 25.16 -18.92
N PHE A 125 10.97 23.82 -18.86
CA PHE A 125 12.04 23.10 -19.55
C PHE A 125 12.11 23.51 -21.03
N CYS A 126 10.97 23.58 -21.71
CA CYS A 126 10.95 23.94 -23.13
C CYS A 126 11.44 25.36 -23.34
N THR A 127 10.89 26.31 -22.56
CA THR A 127 11.20 27.72 -22.84
C THR A 127 12.56 28.13 -22.30
N LYS A 128 13.02 27.54 -21.20
CA LYS A 128 14.28 27.95 -20.60
C LYS A 128 15.45 27.06 -20.94
N ILE A 129 15.23 25.78 -21.23
CA ILE A 129 16.34 24.91 -21.61
C ILE A 129 16.36 24.68 -23.12
N LEU A 130 15.26 24.20 -23.72
CA LEU A 130 15.33 23.85 -25.14
C LEU A 130 15.56 25.07 -26.04
N ALA A 131 14.93 26.20 -25.72
CA ALA A 131 14.99 27.36 -26.62
C ALA A 131 16.43 27.78 -26.87
N LYS A 132 17.24 27.86 -25.81
CA LYS A 132 18.61 28.32 -26.02
C LYS A 132 19.46 27.27 -26.71
N LEU A 133 18.95 26.05 -26.87
CA LEU A 133 19.63 24.96 -27.54
C LEU A 133 19.10 24.78 -28.96
N GLY A 134 18.34 25.74 -29.45
CA GLY A 134 17.93 25.73 -30.84
C GLY A 134 16.70 24.92 -31.11
N VAL A 135 15.90 24.58 -30.09
CA VAL A 135 14.68 23.81 -30.26
C VAL A 135 13.52 24.72 -29.88
N THR A 136 12.61 24.94 -30.82
CA THR A 136 11.44 25.79 -30.59
C THR A 136 10.25 24.98 -30.09
N THR A 137 9.38 25.64 -29.34
CA THR A 137 8.16 25.05 -28.81
C THR A 137 6.95 25.89 -29.18
N GLY A 138 5.93 25.25 -29.72
CA GLY A 138 4.63 25.84 -29.96
C GLY A 138 3.59 25.16 -29.09
N TRP A 139 2.41 25.79 -29.00
CA TRP A 139 1.40 25.45 -28.01
C TRP A 139 0.04 25.18 -28.63
N PHE A 140 -0.74 24.32 -27.97
CA PHE A 140 -2.08 24.07 -28.44
C PHE A 140 -3.07 23.89 -27.30
N ASP A 141 -4.29 24.34 -27.59
CA ASP A 141 -5.42 24.13 -26.70
C ASP A 141 -5.69 22.64 -26.55
N PRO A 142 -6.01 22.18 -25.34
CA PRO A 142 -6.12 20.75 -25.12
C PRO A 142 -7.31 20.11 -25.83
N LEU A 143 -8.34 20.89 -26.19
CA LEU A 143 -9.48 20.36 -26.92
C LEU A 143 -9.36 20.53 -28.43
N ILE A 144 -8.16 20.79 -28.92
CA ILE A 144 -7.95 21.06 -30.34
C ILE A 144 -8.31 19.86 -31.21
N GLY A 145 -8.14 18.64 -30.71
CA GLY A 145 -8.46 17.45 -31.49
C GLY A 145 -7.81 17.43 -32.87
N ALA A 146 -8.61 17.08 -33.88
CA ALA A 146 -8.11 16.93 -35.25
C ALA A 146 -7.47 18.20 -35.80
N ASP A 147 -7.79 19.36 -35.27
CA ASP A 147 -7.26 20.59 -35.82
C ASP A 147 -5.80 20.82 -35.46
N ILE A 148 -5.21 19.96 -34.63
CA ILE A 148 -3.78 20.04 -34.40
C ILE A 148 -3.00 19.87 -35.70
N ALA A 149 -3.60 19.20 -36.70
CA ALA A 149 -2.98 19.04 -38.02
C ALA A 149 -2.44 20.36 -38.56
N ASN A 150 -3.17 21.45 -38.35
CA ASN A 150 -2.76 22.75 -38.89
C ASN A 150 -1.58 23.36 -38.18
N LEU A 151 -1.20 22.86 -37.00
CA LEU A 151 -0.07 23.39 -36.26
C LEU A 151 1.23 22.65 -36.53
N ILE A 152 1.18 21.53 -37.24
CA ILE A 152 2.37 20.74 -37.50
C ILE A 152 3.24 21.40 -38.57
N GLN A 153 4.50 21.71 -38.22
CA GLN A 153 5.45 22.33 -39.13
C GLN A 153 6.37 21.30 -39.75
N PRO A 154 7.07 21.67 -40.85
CA PRO A 154 8.08 20.77 -41.43
C PRO A 154 9.12 20.27 -40.45
N ASN A 155 9.40 21.02 -39.39
CA ASN A 155 10.44 20.64 -38.43
C ASN A 155 9.87 20.15 -37.11
N THR A 156 8.55 19.93 -37.05
CA THR A 156 7.93 19.39 -35.84
C THR A 156 8.37 17.94 -35.63
N LYS A 157 9.00 17.70 -34.49
CA LYS A 157 9.58 16.40 -34.16
C LYS A 157 8.86 15.69 -33.04
N VAL A 158 8.35 16.44 -32.05
CA VAL A 158 7.68 15.93 -30.87
C VAL A 158 6.33 16.59 -30.72
N VAL A 159 5.33 15.80 -30.39
CA VAL A 159 4.02 16.28 -30.00
C VAL A 159 3.78 15.80 -28.58
N PHE A 160 3.64 16.73 -27.66
CA PHE A 160 3.59 16.41 -26.23
C PHE A 160 2.19 16.61 -25.67
N LEU A 161 1.62 15.52 -25.19
CA LEU A 161 0.26 15.50 -24.67
C LEU A 161 0.30 15.39 -23.15
N GLU A 162 -0.76 15.88 -22.51
CA GLU A 162 -0.93 15.67 -21.09
C GLU A 162 -2.43 15.64 -20.82
N SER A 163 -2.96 14.46 -20.46
CA SER A 163 -4.39 14.28 -20.37
C SER A 163 -4.71 13.40 -19.18
N PRO A 164 -5.49 13.88 -18.22
CA PRO A 164 -5.96 15.26 -18.06
C PRO A 164 -4.84 16.25 -17.89
N GLY A 165 -5.18 17.49 -18.16
CA GLY A 165 -4.24 18.57 -18.00
C GLY A 165 -3.95 18.89 -16.55
N SER A 166 -2.79 19.50 -16.35
CA SER A 166 -2.39 19.92 -15.03
C SER A 166 -3.34 21.01 -14.52
N ILE A 167 -3.72 20.85 -13.26
CA ILE A 167 -4.51 21.79 -12.49
C ILE A 167 -5.95 21.92 -12.99
N THR A 168 -6.13 22.29 -14.26
CA THR A 168 -7.46 22.55 -14.82
C THR A 168 -8.13 21.30 -15.41
N MET A 169 -7.37 20.24 -15.63
CA MET A 169 -7.91 18.89 -15.83
C MET A 169 -8.61 18.65 -17.16
N GLU A 170 -8.35 19.44 -18.21
CA GLU A 170 -8.96 19.17 -19.52
C GLU A 170 -8.49 17.83 -20.09
N VAL A 171 -9.42 17.03 -20.62
CA VAL A 171 -9.07 15.74 -21.22
C VAL A 171 -8.98 15.89 -22.73
N HIS A 172 -7.85 15.45 -23.28
CA HIS A 172 -7.68 15.44 -24.72
C HIS A 172 -8.60 14.40 -25.37
N ASP A 173 -8.85 14.61 -26.66
CA ASP A 173 -9.34 13.57 -27.56
C ASP A 173 -8.14 12.91 -28.23
N VAL A 174 -7.52 11.95 -27.54
CA VAL A 174 -6.27 11.37 -28.06
C VAL A 174 -6.46 10.73 -29.42
N PRO A 175 -7.50 9.94 -29.67
CA PRO A 175 -7.64 9.34 -31.01
C PRO A 175 -7.64 10.38 -32.12
N ALA A 176 -8.33 11.50 -31.93
CA ALA A 176 -8.39 12.52 -32.97
C ALA A 176 -7.04 13.22 -33.13
N ILE A 177 -6.36 13.49 -32.02
CA ILE A 177 -5.04 14.13 -32.09
C ILE A 177 -4.06 13.20 -32.79
N VAL A 178 -4.03 11.92 -32.38
CA VAL A 178 -3.05 10.99 -32.94
C VAL A 178 -3.30 10.78 -34.42
N ALA A 179 -4.56 10.65 -34.82
CA ALA A 179 -4.87 10.47 -36.23
C ALA A 179 -4.42 11.68 -37.04
N ALA A 180 -4.65 12.88 -36.51
CA ALA A 180 -4.27 14.08 -37.24
C ALA A 180 -2.76 14.19 -37.35
N VAL A 181 -2.03 13.89 -36.29
CA VAL A 181 -0.57 13.92 -36.36
C VAL A 181 -0.06 12.92 -37.39
N ARG A 182 -0.62 11.69 -37.38
CA ARG A 182 -0.08 10.65 -38.25
C ARG A 182 -0.36 10.94 -39.73
N ARG A 183 -1.40 11.74 -40.04
N ARG A 183 -1.37 11.76 -40.05
CA ARG A 183 -1.66 12.12 -41.42
CA ARG A 183 -1.64 12.09 -41.44
C ARG A 183 -0.56 13.03 -41.98
C ARG A 183 -0.62 13.07 -42.01
N VAL A 184 -0.10 13.97 -41.17
CA VAL A 184 0.84 14.98 -41.63
C VAL A 184 2.28 14.53 -41.44
N ALA A 185 2.55 13.93 -40.28
CA ALA A 185 3.92 13.66 -39.82
C ALA A 185 3.91 12.29 -39.19
N PRO A 186 3.78 11.24 -40.02
CA PRO A 186 3.66 9.88 -39.48
C PRO A 186 4.81 9.47 -38.56
N GLU A 187 5.99 10.04 -38.72
CA GLU A 187 7.15 9.59 -37.96
C GLU A 187 7.45 10.46 -36.74
N ALA A 188 6.64 11.50 -36.49
CA ALA A 188 6.76 12.31 -35.29
C ALA A 188 6.72 11.45 -34.03
N ILE A 189 7.35 11.96 -32.95
CA ILE A 189 7.35 11.28 -31.66
C ILE A 189 6.23 11.87 -30.83
N ILE A 190 5.22 11.08 -30.55
CA ILE A 190 4.09 11.50 -29.74
C ILE A 190 4.31 10.97 -28.32
N MET A 191 4.37 11.89 -27.36
CA MET A 191 4.62 11.61 -25.96
C MET A 191 3.41 12.06 -25.16
N ILE A 192 3.18 11.40 -24.04
CA ILE A 192 2.17 11.86 -23.09
C ILE A 192 2.72 11.77 -21.67
N ASP A 193 2.44 12.80 -20.87
CA ASP A 193 2.56 12.70 -19.41
C ASP A 193 1.27 12.07 -18.90
N ASN A 194 1.35 10.78 -18.52
CA ASN A 194 0.24 9.91 -18.16
C ASN A 194 0.20 9.65 -16.66
N THR A 195 0.66 10.61 -15.87
CA THR A 195 0.74 10.46 -14.42
C THR A 195 -0.65 10.35 -13.77
N TRP A 196 -1.61 11.18 -14.19
CA TRP A 196 -2.91 11.17 -13.55
C TRP A 196 -3.55 9.79 -13.62
N ALA A 197 -3.38 9.08 -14.73
CA ALA A 197 -3.90 7.74 -14.92
C ALA A 197 -3.00 6.64 -14.34
N ALA A 198 -1.87 7.02 -13.76
CA ALA A 198 -0.86 6.07 -13.26
C ALA A 198 -0.46 5.03 -14.31
N GLY A 199 -0.54 5.43 -15.57
CA GLY A 199 -0.21 4.60 -16.70
C GLY A 199 -1.16 3.45 -16.95
N VAL A 200 -2.14 3.21 -16.07
CA VAL A 200 -3.00 2.03 -16.17
C VAL A 200 -4.46 2.38 -16.38
N LEU A 201 -4.93 3.59 -16.03
CA LEU A 201 -6.30 4.00 -16.37
C LEU A 201 -6.45 4.44 -17.81
N PHE A 202 -5.34 4.71 -18.49
CA PHE A 202 -5.36 5.17 -19.88
C PHE A 202 -4.18 4.46 -20.55
N LYS A 203 -4.46 3.53 -21.47
N LYS A 203 -4.43 3.50 -21.46
CA LYS A 203 -3.42 2.70 -22.07
CA LYS A 203 -3.32 2.69 -21.98
C LYS A 203 -2.82 3.45 -23.26
C LYS A 203 -2.74 3.36 -23.21
N ALA A 204 -1.94 4.39 -22.95
CA ALA A 204 -1.49 5.32 -23.97
C ALA A 204 -0.92 4.66 -25.21
N LEU A 205 -0.09 3.62 -25.03
N LEU A 205 -0.08 3.63 -25.03
CA LEU A 205 0.60 3.04 -26.16
CA LEU A 205 0.61 3.05 -26.18
C LEU A 205 -0.37 2.33 -27.10
C LEU A 205 -0.37 2.31 -27.09
N ASP A 206 -1.51 1.86 -26.55
CA ASP A 206 -2.54 1.25 -27.38
C ASP A 206 -3.26 2.26 -28.26
N PHE A 207 -3.16 3.55 -27.95
CA PHE A 207 -3.78 4.59 -28.77
C PHE A 207 -2.83 5.13 -29.84
N GLY A 208 -1.63 4.57 -29.98
CA GLY A 208 -0.69 5.06 -30.97
C GLY A 208 0.29 6.11 -30.47
N ILE A 209 0.27 6.42 -29.18
CA ILE A 209 1.29 7.28 -28.62
C ILE A 209 2.58 6.47 -28.51
N ASP A 210 3.72 7.13 -28.69
CA ASP A 210 4.99 6.41 -28.74
C ASP A 210 5.61 6.21 -27.37
N ILE A 211 5.42 7.15 -26.47
CA ILE A 211 6.10 7.11 -25.18
C ILE A 211 5.13 7.61 -24.12
N SER A 212 4.98 6.83 -23.07
CA SER A 212 4.17 7.19 -21.93
C SER A 212 5.08 7.52 -20.76
N ILE A 213 5.01 8.76 -20.27
CA ILE A 213 5.85 9.26 -19.18
C ILE A 213 5.01 9.38 -17.91
N GLN A 214 5.61 9.00 -16.74
CA GLN A 214 4.95 9.16 -15.46
C GLN A 214 5.89 9.72 -14.42
N ALA A 215 5.33 10.55 -13.55
CA ALA A 215 5.91 10.76 -12.23
C ALA A 215 5.45 9.61 -11.36
N ALA A 216 6.27 8.56 -11.28
CA ALA A 216 5.94 7.43 -10.41
C ALA A 216 5.87 7.87 -8.95
N THR A 217 6.45 9.03 -8.66
CA THR A 217 6.27 9.78 -7.45
C THR A 217 4.84 9.81 -6.93
N LYS A 218 3.86 9.85 -7.84
CA LYS A 218 2.47 10.02 -7.46
C LYS A 218 1.87 8.67 -7.08
N TYR A 219 0.92 8.13 -7.87
CA TYR A 219 0.18 6.96 -7.42
C TYR A 219 1.01 5.67 -7.40
N LEU A 220 2.04 5.54 -8.24
CA LEU A 220 2.85 4.31 -8.18
C LEU A 220 3.52 4.14 -6.83
N ILE A 221 4.22 5.17 -6.34
CA ILE A 221 4.75 5.12 -4.98
C ILE A 221 3.62 5.11 -3.97
N GLY A 222 2.66 6.05 -4.11
CA GLY A 222 1.40 5.96 -3.40
C GLY A 222 1.39 6.47 -1.97
N HIS A 223 2.53 6.86 -1.40
CA HIS A 223 2.64 7.21 0.00
C HIS A 223 3.42 8.50 0.23
N SER A 224 3.65 9.30 -0.81
CA SER A 224 4.27 10.60 -0.69
C SER A 224 5.70 10.58 -0.15
N ASP A 225 6.42 9.44 -0.29
CA ASP A 225 7.75 9.34 0.33
C ASP A 225 8.82 8.79 -0.61
N GLY A 226 8.63 8.88 -1.90
CA GLY A 226 9.67 8.55 -2.85
C GLY A 226 9.45 9.37 -4.11
N MET A 227 10.53 9.67 -4.81
CA MET A 227 10.44 10.35 -6.09
C MET A 227 11.14 9.54 -7.16
N ILE A 228 10.52 9.50 -8.33
CA ILE A 228 10.99 8.65 -9.41
C ILE A 228 10.17 8.98 -10.63
N GLY A 229 10.83 9.00 -11.78
CA GLY A 229 10.15 9.11 -13.05
C GLY A 229 10.35 7.87 -13.89
N THR A 230 9.37 7.59 -14.76
CA THR A 230 9.40 6.49 -15.70
C THR A 230 9.00 6.96 -17.09
N ALA A 231 9.56 6.30 -18.10
CA ALA A 231 9.15 6.53 -19.49
C ALA A 231 9.13 5.19 -20.19
N VAL A 232 7.94 4.75 -20.59
CA VAL A 232 7.77 3.49 -21.33
C VAL A 232 7.60 3.81 -22.80
N ALA A 233 8.44 3.22 -23.63
CA ALA A 233 8.44 3.52 -25.06
C ALA A 233 8.07 2.30 -25.89
N ASN A 234 7.55 2.56 -27.09
CA ASN A 234 7.33 1.47 -28.02
C ASN A 234 8.65 1.07 -28.67
N ALA A 235 8.58 0.03 -29.50
CA ALA A 235 9.77 -0.59 -30.08
C ALA A 235 10.48 0.38 -31.00
N ARG A 236 9.71 1.19 -31.75
CA ARG A 236 10.31 2.18 -32.63
C ARG A 236 11.23 3.16 -31.90
N CYS A 237 10.83 3.65 -30.70
CA CYS A 237 11.50 4.74 -30.02
C CYS A 237 12.40 4.32 -28.85
N TRP A 238 12.38 3.04 -28.46
CA TRP A 238 13.00 2.62 -27.22
C TRP A 238 14.52 2.84 -27.23
N GLU A 239 15.21 2.39 -28.27
CA GLU A 239 16.66 2.44 -28.22
C GLU A 239 17.17 3.88 -28.13
N GLN A 240 16.51 4.81 -28.84
CA GLN A 240 16.96 6.19 -28.76
C GLN A 240 16.71 6.78 -27.38
N LEU A 241 15.53 6.47 -26.81
CA LEU A 241 15.21 6.92 -25.46
C LEU A 241 16.22 6.37 -24.49
N CYS A 242 16.40 5.05 -24.53
CA CYS A 242 17.30 4.36 -23.63
C CYS A 242 18.70 4.98 -23.64
N GLU A 243 19.29 5.12 -24.84
CA GLU A 243 20.70 5.50 -24.95
C GLU A 243 20.94 7.00 -24.71
N ASN A 244 20.01 7.87 -25.12
CA ASN A 244 20.21 9.29 -24.89
C ASN A 244 19.95 9.66 -23.44
N ALA A 245 18.98 9.00 -22.79
CA ALA A 245 18.80 9.22 -21.35
C ALA A 245 20.01 8.71 -20.57
N TYR A 246 20.59 7.60 -21.01
CA TYR A 246 21.79 7.07 -20.35
C TYR A 246 22.98 8.00 -20.52
N LEU A 247 23.10 8.63 -21.68
CA LEU A 247 24.17 9.59 -21.91
C LEU A 247 24.04 10.81 -20.99
N MET A 248 22.84 11.13 -20.50
CA MET A 248 22.66 12.15 -19.49
C MET A 248 22.72 11.60 -18.07
N GLY A 249 23.12 10.33 -17.91
CA GLY A 249 23.30 9.76 -16.60
C GLY A 249 22.04 9.49 -15.82
N GLN A 250 20.89 9.40 -16.49
CA GLN A 250 19.63 9.25 -15.80
C GLN A 250 19.43 7.81 -15.32
N MET A 251 19.16 7.69 -14.04
CA MET A 251 18.82 6.44 -13.38
C MET A 251 18.05 6.80 -12.11
N ILE A 252 17.55 5.76 -11.44
CA ILE A 252 16.99 5.83 -10.10
C ILE A 252 17.74 4.84 -9.21
N ASP A 253 17.74 5.11 -7.91
CA ASP A 253 18.36 4.19 -6.98
C ASP A 253 17.54 2.91 -6.82
N ALA A 254 18.25 1.82 -6.50
CA ALA A 254 17.62 0.51 -6.37
C ALA A 254 16.51 0.50 -5.32
N ASP A 255 16.68 1.20 -4.21
CA ASP A 255 15.66 1.14 -3.18
C ASP A 255 14.35 1.78 -3.64
N THR A 256 14.44 2.93 -4.30
CA THR A 256 13.23 3.54 -4.80
C THR A 256 12.61 2.70 -5.90
N ALA A 257 13.43 2.07 -6.72
CA ALA A 257 12.89 1.10 -7.68
C ALA A 257 12.05 0.05 -6.96
N TYR A 258 12.63 -0.53 -5.93
CA TYR A 258 11.91 -1.54 -5.14
C TYR A 258 10.61 -0.99 -4.59
N MET A 259 10.64 0.25 -4.09
CA MET A 259 9.44 0.82 -3.51
C MET A 259 8.41 1.10 -4.59
N THR A 260 8.84 1.32 -5.83
CA THR A 260 7.87 1.55 -6.90
C THR A 260 7.17 0.23 -7.29
N SER A 261 7.94 -0.84 -7.45
CA SER A 261 7.36 -2.16 -7.69
C SER A 261 6.38 -2.50 -6.59
N ARG A 262 6.73 -2.15 -5.36
CA ARG A 262 5.88 -2.49 -4.22
C ARG A 262 4.58 -1.72 -4.26
N GLY A 263 4.65 -0.43 -4.62
CA GLY A 263 3.45 0.37 -4.79
C GLY A 263 2.49 -0.18 -5.81
N LEU A 264 3.02 -0.76 -6.90
CA LEU A 264 2.16 -1.33 -7.92
C LEU A 264 1.17 -2.32 -7.32
N ARG A 265 1.58 -3.03 -6.27
CA ARG A 265 0.77 -4.14 -5.79
C ARG A 265 -0.56 -3.67 -5.21
N THR A 266 -0.61 -2.45 -4.67
CA THR A 266 -1.85 -1.93 -4.10
C THR A 266 -2.47 -0.84 -4.98
N LEU A 267 -1.93 -0.65 -6.18
CA LEU A 267 -2.42 0.45 -7.03
C LEU A 267 -3.90 0.26 -7.36
N GLY A 268 -4.35 -0.98 -7.53
CA GLY A 268 -5.73 -1.22 -7.92
C GLY A 268 -6.70 -0.87 -6.80
N VAL A 269 -6.48 -1.42 -5.61
N VAL A 269 -6.45 -1.38 -5.60
CA VAL A 269 -7.37 -1.08 -4.51
CA VAL A 269 -7.37 -1.09 -4.51
C VAL A 269 -7.30 0.41 -4.23
C VAL A 269 -7.27 0.38 -4.11
N ARG A 270 -6.11 1.01 -4.31
CA ARG A 270 -6.02 2.44 -3.98
C ARG A 270 -6.79 3.28 -4.99
N LEU A 271 -6.54 3.06 -6.28
CA LEU A 271 -7.19 3.89 -7.29
C LEU A 271 -8.71 3.74 -7.23
N ARG A 272 -9.22 2.54 -6.94
CA ARG A 272 -10.68 2.41 -6.89
C ARG A 272 -11.25 3.27 -5.77
N GLN A 273 -10.56 3.36 -4.64
CA GLN A 273 -11.01 4.25 -3.57
C GLN A 273 -10.87 5.72 -3.95
N HIS A 274 -9.73 6.10 -4.55
CA HIS A 274 -9.59 7.49 -4.99
C HIS A 274 -10.71 7.87 -5.95
N HIS A 275 -11.06 6.97 -6.87
CA HIS A 275 -12.12 7.20 -7.84
C HIS A 275 -13.46 7.40 -7.13
N GLU A 276 -13.83 6.44 -6.30
CA GLU A 276 -15.14 6.52 -5.63
C GLU A 276 -15.26 7.80 -4.82
N SER A 277 -14.25 8.10 -3.99
CA SER A 277 -14.33 9.27 -3.10
C SER A 277 -14.23 10.57 -3.89
N SER A 278 -13.33 10.65 -4.88
CA SER A 278 -13.21 11.91 -5.61
C SER A 278 -14.44 12.21 -6.45
N LEU A 279 -15.06 11.17 -7.01
CA LEU A 279 -16.29 11.41 -7.77
C LEU A 279 -17.39 11.87 -6.83
N ARG A 280 -17.49 11.26 -5.64
N ARG A 280 -17.48 11.27 -5.65
CA ARG A 280 -18.46 11.70 -4.65
CA ARG A 280 -18.49 11.72 -4.69
C ARG A 280 -18.27 13.17 -4.34
C ARG A 280 -18.28 13.19 -4.36
N VAL A 281 -17.04 13.57 -4.01
CA VAL A 281 -16.78 14.96 -3.66
C VAL A 281 -17.12 15.87 -4.84
N ALA A 282 -16.74 15.45 -6.03
CA ALA A 282 -16.96 16.29 -7.20
C ALA A 282 -18.46 16.47 -7.46
N GLU A 283 -19.24 15.41 -7.32
CA GLU A 283 -20.69 15.53 -7.50
C GLU A 283 -21.31 16.42 -6.41
N TRP A 284 -20.79 16.35 -5.18
CA TRP A 284 -21.27 17.20 -4.09
C TRP A 284 -20.94 18.66 -4.38
N LEU A 285 -19.71 18.92 -4.80
CA LEU A 285 -19.28 20.29 -5.08
C LEU A 285 -20.08 20.90 -6.23
N ALA A 286 -20.42 20.10 -7.23
CA ALA A 286 -21.15 20.63 -8.37
C ALA A 286 -22.55 21.14 -7.98
N GLN A 287 -23.10 20.65 -6.89
CA GLN A 287 -24.38 21.12 -6.39
C GLN A 287 -24.24 22.30 -5.43
N HIS A 288 -23.02 22.67 -5.05
CA HIS A 288 -22.86 23.60 -3.94
C HIS A 288 -23.01 25.04 -4.43
N PRO A 289 -23.74 25.89 -3.70
CA PRO A 289 -23.92 27.27 -4.17
C PRO A 289 -22.65 28.12 -4.16
N GLN A 290 -21.59 27.72 -3.43
CA GLN A 290 -20.34 28.48 -3.42
C GLN A 290 -19.34 28.01 -4.49
N VAL A 291 -19.75 27.09 -5.36
CA VAL A 291 -18.93 26.52 -6.41
C VAL A 291 -19.48 26.96 -7.77
N ALA A 292 -18.61 27.58 -8.57
CA ALA A 292 -18.99 27.97 -9.94
C ALA A 292 -18.86 26.82 -10.94
N ARG A 293 -17.85 25.95 -10.79
N ARG A 293 -17.80 26.01 -10.83
CA ARG A 293 -17.56 24.93 -11.79
CA ARG A 293 -17.55 24.91 -11.75
C ARG A 293 -16.61 23.90 -11.18
C ARG A 293 -16.75 23.85 -11.00
N VAL A 294 -16.84 22.63 -11.48
CA VAL A 294 -15.99 21.52 -11.02
C VAL A 294 -15.23 20.97 -12.23
N ASN A 295 -13.91 20.86 -12.11
CA ASN A 295 -13.09 20.28 -13.19
C ASN A 295 -12.65 18.88 -12.75
N HIS A 296 -13.47 17.88 -13.03
CA HIS A 296 -13.14 16.49 -12.72
C HIS A 296 -13.41 15.68 -13.97
N PRO A 297 -12.42 14.94 -14.51
CA PRO A 297 -12.67 14.24 -15.78
C PRO A 297 -13.88 13.32 -15.78
N ALA A 298 -14.24 12.76 -14.64
CA ALA A 298 -15.36 11.83 -14.57
C ALA A 298 -16.70 12.50 -14.35
N LEU A 299 -16.70 13.83 -14.11
CA LEU A 299 -17.95 14.54 -13.84
C LEU A 299 -18.58 14.98 -15.14
N PRO A 300 -19.86 14.67 -15.38
CA PRO A 300 -20.51 15.20 -16.57
C PRO A 300 -20.34 16.71 -16.67
N GLY A 301 -20.14 17.18 -17.90
CA GLY A 301 -19.98 18.59 -18.18
C GLY A 301 -18.56 19.11 -18.09
N SER A 302 -17.62 18.33 -17.57
N SER A 302 -17.63 18.32 -17.57
CA SER A 302 -16.25 18.79 -17.50
CA SER A 302 -16.24 18.75 -17.50
C SER A 302 -15.61 18.67 -18.87
C SER A 302 -15.62 18.68 -18.89
N LYS A 303 -14.61 19.51 -19.11
CA LYS A 303 -14.00 19.60 -20.43
C LYS A 303 -13.31 18.30 -20.77
N GLY A 304 -13.75 17.70 -21.87
CA GLY A 304 -13.25 16.43 -22.34
C GLY A 304 -13.80 15.23 -21.62
N HIS A 305 -14.86 15.43 -20.80
CA HIS A 305 -15.43 14.32 -20.04
C HIS A 305 -15.82 13.17 -20.97
N GLU A 306 -16.31 13.48 -22.16
CA GLU A 306 -16.76 12.42 -23.07
C GLU A 306 -15.60 11.52 -23.49
N PHE A 307 -14.41 12.12 -23.67
CA PHE A 307 -13.22 11.34 -24.00
C PHE A 307 -12.74 10.53 -22.80
N TRP A 308 -12.81 11.10 -21.59
CA TRP A 308 -12.46 10.29 -20.41
C TRP A 308 -13.34 9.06 -20.35
N LYS A 309 -14.64 9.24 -20.56
CA LYS A 309 -15.55 8.11 -20.44
C LYS A 309 -15.27 7.06 -21.52
N ARG A 310 -14.90 7.50 -22.71
CA ARG A 310 -14.70 6.57 -23.82
C ARG A 310 -13.34 5.86 -23.75
N ASP A 311 -12.30 6.58 -23.30
CA ASP A 311 -10.92 6.16 -23.49
C ASP A 311 -10.21 5.67 -22.21
N PHE A 312 -10.69 6.04 -21.03
CA PHE A 312 -10.10 5.65 -19.74
C PHE A 312 -10.90 4.50 -19.16
N SER A 313 -10.27 3.76 -18.24
CA SER A 313 -10.92 2.68 -17.53
C SER A 313 -11.26 3.07 -16.11
N GLY A 314 -11.01 4.32 -15.73
CA GLY A 314 -11.31 4.77 -14.38
C GLY A 314 -10.75 6.16 -14.21
N SER A 315 -10.89 6.64 -12.98
CA SER A 315 -10.38 7.95 -12.59
C SER A 315 -9.43 7.78 -11.39
N SER A 316 -8.54 8.76 -11.20
CA SER A 316 -7.84 8.81 -9.91
C SER A 316 -8.50 9.85 -8.99
N GLY A 317 -7.75 10.43 -8.05
CA GLY A 317 -8.32 11.29 -7.02
C GLY A 317 -8.04 12.78 -7.11
N LEU A 318 -7.34 13.21 -8.15
CA LEU A 318 -6.93 14.60 -8.28
C LEU A 318 -7.90 15.36 -9.17
N PHE A 319 -8.38 16.50 -8.69
CA PHE A 319 -9.24 17.33 -9.54
C PHE A 319 -9.27 18.73 -8.96
N SER A 320 -10.07 19.61 -9.56
CA SER A 320 -10.11 20.99 -9.09
C SER A 320 -11.50 21.56 -9.27
N PHE A 321 -11.74 22.71 -8.64
CA PHE A 321 -13.01 23.40 -8.79
C PHE A 321 -12.77 24.90 -8.66
N VAL A 322 -13.72 25.67 -9.17
CA VAL A 322 -13.65 27.13 -9.15
C VAL A 322 -14.72 27.61 -8.16
N LEU A 323 -14.32 28.49 -7.26
CA LEU A 323 -15.22 29.08 -6.31
C LEU A 323 -16.05 30.17 -6.98
N ASN A 324 -17.20 30.46 -6.38
CA ASN A 324 -18.09 31.50 -6.89
C ASN A 324 -17.54 32.90 -6.75
N LYS A 325 -16.41 33.09 -6.08
CA LYS A 325 -15.81 34.40 -6.02
C LYS A 325 -14.30 34.31 -6.01
N ARG A 326 -13.66 35.44 -6.26
CA ARG A 326 -12.23 35.59 -6.08
C ARG A 326 -11.96 35.89 -4.61
N LEU A 327 -11.28 34.98 -3.93
CA LEU A 327 -10.94 35.21 -2.54
C LEU A 327 -9.92 36.34 -2.42
N THR A 328 -10.13 37.19 -1.42
CA THR A 328 -9.10 38.12 -0.97
C THR A 328 -7.99 37.35 -0.27
N ASP A 329 -6.86 38.05 -0.06
CA ASP A 329 -5.77 37.42 0.68
C ASP A 329 -6.22 37.01 2.09
N ALA A 330 -7.08 37.80 2.73
CA ALA A 330 -7.56 37.42 4.06
C ALA A 330 -8.44 36.19 4.01
N GLU A 331 -9.32 36.11 3.00
CA GLU A 331 -10.17 34.94 2.84
C GLU A 331 -9.36 33.69 2.50
N LEU A 332 -8.29 33.86 1.73
CA LEU A 332 -7.45 32.71 1.39
C LEU A 332 -6.84 32.10 2.65
N ALA A 333 -6.33 32.94 3.54
CA ALA A 333 -5.79 32.46 4.82
C ALA A 333 -6.88 31.81 5.68
N ALA A 334 -8.02 32.48 5.85
CA ALA A 334 -9.13 31.91 6.61
C ALA A 334 -9.49 30.52 6.09
N TYR A 335 -9.59 30.39 4.77
CA TYR A 335 -9.97 29.13 4.15
C TYR A 335 -8.91 28.08 4.36
N LEU A 336 -7.71 28.36 3.87
CA LEU A 336 -6.67 27.34 3.74
C LEU A 336 -6.03 27.00 5.06
N ASP A 337 -5.88 27.98 5.94
CA ASP A 337 -5.09 27.76 7.16
C ASP A 337 -5.81 26.91 8.19
N ASN A 338 -7.12 26.67 8.06
CA ASN A 338 -7.88 26.05 9.15
C ASN A 338 -8.57 24.74 8.78
N PHE A 339 -8.12 24.07 7.72
CA PHE A 339 -8.59 22.72 7.44
C PHE A 339 -8.08 21.76 8.50
N SER A 340 -8.91 20.80 8.85
CA SER A 340 -8.58 19.77 9.82
C SER A 340 -7.97 18.52 9.19
N LEU A 341 -8.40 18.17 7.99
CA LEU A 341 -7.96 16.95 7.33
C LEU A 341 -7.21 17.19 6.03
N PHE A 342 -7.65 18.12 5.20
CA PHE A 342 -6.87 18.51 4.03
C PHE A 342 -5.62 19.28 4.47
N SER A 343 -4.49 18.95 3.86
CA SER A 343 -3.22 19.62 4.11
C SER A 343 -2.79 20.36 2.87
N MET A 344 -2.06 21.46 3.07
CA MET A 344 -1.45 22.20 1.98
C MET A 344 -0.07 21.66 1.66
N ALA A 345 0.10 21.19 0.44
CA ALA A 345 1.40 20.71 -0.02
C ALA A 345 1.32 20.51 -1.50
N TYR A 346 2.49 20.49 -2.13
CA TYR A 346 2.57 20.03 -3.51
C TYR A 346 2.62 18.51 -3.59
N SER A 347 2.59 18.02 -4.82
CA SER A 347 2.45 16.59 -5.13
C SER A 347 1.03 16.13 -4.80
N TRP A 348 0.83 14.83 -4.95
CA TRP A 348 -0.47 14.17 -4.92
C TRP A 348 -0.27 12.68 -5.16
N GLY A 349 -1.36 11.94 -5.20
CA GLY A 349 -1.28 10.51 -5.41
C GLY A 349 -0.93 9.71 -4.18
N GLY A 350 -0.94 10.31 -3.00
CA GLY A 350 -0.67 9.61 -1.76
C GLY A 350 -1.95 9.17 -1.06
N PHE A 351 -1.79 8.79 0.21
CA PHE A 351 -2.92 8.35 0.99
C PHE A 351 -3.66 9.51 1.64
N GLU A 352 -3.07 10.69 1.71
CA GLU A 352 -3.73 11.75 2.44
C GLU A 352 -4.23 12.80 1.46
N SER A 353 -5.25 13.53 1.91
CA SER A 353 -5.90 14.54 1.10
C SER A 353 -5.19 15.89 1.18
N LEU A 354 -5.14 16.58 0.05
CA LEU A 354 -4.36 17.81 -0.08
C LEU A 354 -5.20 18.90 -0.72
N ILE A 355 -4.78 20.16 -0.49
CA ILE A 355 -5.51 21.31 -1.02
C ILE A 355 -4.52 22.39 -1.42
N LEU A 356 -4.74 22.98 -2.59
CA LEU A 356 -3.97 24.14 -3.01
C LEU A 356 -4.88 25.16 -3.71
N ALA A 357 -4.50 26.42 -3.67
CA ALA A 357 -5.26 27.48 -4.35
C ALA A 357 -4.40 28.15 -5.41
N ASN A 358 -5.08 28.64 -6.46
CA ASN A 358 -4.47 29.48 -7.48
C ASN A 358 -5.49 30.55 -7.90
N GLN A 359 -5.06 31.80 -8.05
CA GLN A 359 -5.91 32.82 -8.66
C GLN A 359 -5.90 32.69 -10.18
N PRO A 360 -6.96 33.18 -10.85
CA PRO A 360 -7.05 32.97 -12.31
C PRO A 360 -5.84 33.49 -13.06
N GLU A 361 -5.28 34.63 -12.66
CA GLU A 361 -4.15 35.16 -13.40
C GLU A 361 -2.89 34.31 -13.21
N HIS A 362 -2.80 33.58 -12.10
CA HIS A 362 -1.69 32.63 -11.96
C HIS A 362 -1.80 31.49 -12.98
N ILE A 363 -3.01 30.95 -13.19
CA ILE A 363 -3.20 29.93 -14.22
C ILE A 363 -2.96 30.52 -15.61
N ALA A 364 -3.47 31.74 -15.85
CA ALA A 364 -3.29 32.37 -17.17
C ALA A 364 -1.80 32.50 -17.50
N ALA A 365 -0.98 32.84 -16.52
CA ALA A 365 0.46 32.95 -16.74
C ALA A 365 1.10 31.63 -17.16
N ILE A 366 0.47 30.48 -16.89
CA ILE A 366 1.03 29.19 -17.30
C ILE A 366 0.12 28.53 -18.34
N ARG A 367 -0.61 29.35 -19.10
CA ARG A 367 -1.39 28.90 -20.25
C ARG A 367 -0.86 29.70 -21.44
N PRO A 368 0.21 29.23 -22.06
CA PRO A 368 0.90 30.05 -23.05
C PRO A 368 -0.01 30.34 -24.23
N GLU A 369 -0.02 31.60 -24.65
CA GLU A 369 -0.82 32.07 -25.78
C GLU A 369 -2.31 31.88 -25.57
N ALA A 370 -2.75 31.80 -24.32
CA ALA A 370 -4.15 31.58 -24.02
C ALA A 370 -4.55 32.35 -22.78
N GLU A 371 -5.85 32.59 -22.65
CA GLU A 371 -6.44 33.16 -21.44
C GLU A 371 -7.26 32.09 -20.74
N VAL A 372 -7.63 32.37 -19.50
CA VAL A 372 -8.51 31.48 -18.76
C VAL A 372 -9.94 31.97 -18.91
N ASP A 373 -10.87 31.06 -18.66
CA ASP A 373 -12.31 31.32 -18.82
C ASP A 373 -13.05 31.38 -17.51
N PHE A 374 -12.34 31.65 -16.41
CA PHE A 374 -12.97 31.77 -15.11
C PHE A 374 -12.31 32.93 -14.38
N SER A 375 -12.99 33.39 -13.35
CA SER A 375 -12.57 34.54 -12.60
C SER A 375 -12.58 34.26 -11.10
N GLY A 376 -13.15 33.15 -10.66
CA GLY A 376 -13.07 32.80 -9.26
C GLY A 376 -11.77 32.12 -8.92
N THR A 377 -11.48 32.06 -7.63
CA THR A 377 -10.30 31.35 -7.14
C THR A 377 -10.46 29.86 -7.40
N LEU A 378 -9.39 29.24 -7.88
CA LEU A 378 -9.37 27.82 -8.21
C LEU A 378 -8.74 27.03 -7.07
N ILE A 379 -9.39 25.94 -6.70
CA ILE A 379 -8.95 25.06 -5.61
C ILE A 379 -8.65 23.70 -6.23
N ARG A 380 -7.43 23.18 -6.03
CA ARG A 380 -7.11 21.84 -6.51
C ARG A 380 -7.10 20.89 -5.32
N LEU A 381 -7.85 19.81 -5.42
CA LEU A 381 -7.96 18.83 -4.36
C LEU A 381 -7.30 17.54 -4.79
N HIS A 382 -6.57 16.91 -3.88
CA HIS A 382 -6.27 15.51 -3.99
C HIS A 382 -7.09 14.79 -2.93
N ILE A 383 -7.90 13.83 -3.35
CA ILE A 383 -8.72 13.04 -2.46
C ILE A 383 -7.99 11.75 -2.13
N GLY A 384 -7.60 11.62 -0.88
CA GLY A 384 -6.86 10.49 -0.39
C GLY A 384 -7.81 9.42 0.11
N LEU A 385 -7.37 8.70 1.14
CA LEU A 385 -8.03 7.47 1.56
C LEU A 385 -8.89 7.65 2.83
N GLU A 386 -9.04 8.87 3.31
CA GLU A 386 -9.84 9.17 4.48
C GLU A 386 -11.31 8.90 4.19
N ASN A 387 -12.12 8.78 5.24
CA ASN A 387 -13.55 8.59 5.02
C ASN A 387 -14.14 9.80 4.33
N VAL A 388 -14.85 9.58 3.21
CA VAL A 388 -15.25 10.72 2.38
C VAL A 388 -16.21 11.66 3.12
N ASP A 389 -17.02 11.15 4.05
CA ASP A 389 -17.88 12.01 4.84
C ASP A 389 -17.07 12.92 5.76
N ASP A 390 -15.94 12.45 6.28
CA ASP A 390 -15.07 13.34 7.04
C ASP A 390 -14.51 14.43 6.14
N LEU A 391 -14.14 14.08 4.90
CA LEU A 391 -13.60 15.06 3.98
C LEU A 391 -14.66 16.09 3.56
N LEU A 392 -15.90 15.64 3.34
CA LEU A 392 -16.98 16.56 3.01
C LEU A 392 -17.24 17.55 4.14
N ALA A 393 -17.19 17.06 5.39
CA ALA A 393 -17.39 17.97 6.51
C ALA A 393 -16.24 18.96 6.62
N ASP A 394 -15.02 18.54 6.28
CA ASP A 394 -13.91 19.47 6.25
C ASP A 394 -14.13 20.53 5.18
N LEU A 395 -14.59 20.14 3.99
CA LEU A 395 -14.85 21.12 2.95
C LEU A 395 -16.00 22.05 3.36
N ALA A 396 -17.06 21.49 3.94
CA ALA A 396 -18.17 22.35 4.36
C ALA A 396 -17.72 23.39 5.37
N ALA A 397 -16.86 22.99 6.32
CA ALA A 397 -16.37 23.96 7.30
C ALA A 397 -15.55 25.05 6.64
N GLY A 398 -14.80 24.69 5.60
CA GLY A 398 -14.11 25.71 4.83
C GLY A 398 -15.06 26.66 4.14
N PHE A 399 -16.12 26.13 3.51
CA PHE A 399 -17.05 27.03 2.85
C PHE A 399 -17.67 28.01 3.86
N ALA A 400 -17.89 27.56 5.10
CA ALA A 400 -18.48 28.44 6.12
C ALA A 400 -17.53 29.58 6.49
N ARG A 401 -16.23 29.38 6.34
CA ARG A 401 -15.27 30.40 6.71
C ARG A 401 -15.17 31.49 5.68
N ILE A 402 -15.70 31.30 4.47
CA ILE A 402 -15.60 32.30 3.42
C ILE A 402 -16.96 32.73 2.89
N VAL A 403 -18.05 32.24 3.49
CA VAL A 403 -19.37 32.53 2.95
C VAL A 403 -19.63 34.01 3.16
N HIS B 13 -15.02 6.61 10.56
CA HIS B 13 -13.89 7.42 11.01
C HIS B 13 -12.60 6.60 10.98
N LEU B 14 -12.73 5.27 10.89
CA LEU B 14 -11.55 4.40 10.95
C LEU B 14 -10.56 4.74 9.86
N ASP B 15 -11.04 4.92 8.64
CA ASP B 15 -10.13 5.18 7.53
C ASP B 15 -9.41 6.49 7.75
N THR B 16 -10.09 7.45 8.37
CA THR B 16 -9.46 8.74 8.64
C THR B 16 -8.43 8.59 9.73
N ALA B 17 -8.77 7.81 10.75
CA ALA B 17 -7.84 7.49 11.83
C ALA B 17 -6.60 6.76 11.32
N LEU B 18 -6.79 5.78 10.42
CA LEU B 18 -5.67 5.05 9.85
C LEU B 18 -4.73 6.00 9.12
N VAL B 19 -5.28 6.96 8.39
CA VAL B 19 -4.45 7.87 7.61
C VAL B 19 -3.67 8.80 8.52
N ASN B 20 -4.20 9.16 9.69
CA ASN B 20 -3.60 10.21 10.50
C ASN B 20 -2.92 9.69 11.77
N ALA B 21 -3.15 8.44 12.15
CA ALA B 21 -2.64 7.96 13.44
C ALA B 21 -1.12 8.10 13.51
N GLY B 22 -0.65 8.69 14.62
CA GLY B 22 0.76 8.88 14.90
C GLY B 22 1.46 9.98 14.12
N ARG B 23 0.78 10.64 13.17
CA ARG B 23 1.47 11.62 12.31
C ARG B 23 1.36 13.02 12.88
N ARG B 24 2.16 13.28 13.90
CA ARG B 24 2.29 14.60 14.47
C ARG B 24 3.54 15.29 13.97
N LYS B 25 3.50 16.62 14.03
CA LYS B 25 4.58 17.45 13.53
C LYS B 25 5.92 17.15 14.23
N LYS B 26 5.91 16.83 15.53
CA LYS B 26 7.20 16.52 16.16
C LYS B 26 7.85 15.28 15.55
N TYR B 27 7.06 14.38 14.95
CA TYR B 27 7.64 13.21 14.29
C TYR B 27 7.88 13.40 12.79
N THR B 28 6.99 14.12 12.09
CA THR B 28 7.10 14.25 10.64
C THR B 28 7.99 15.41 10.19
N GLN B 29 8.14 16.44 11.01
CA GLN B 29 9.03 17.56 10.73
C GLN B 29 8.82 18.15 9.33
N GLY B 30 7.58 18.11 8.83
CA GLY B 30 7.25 18.74 7.56
C GLY B 30 6.85 17.78 6.46
N SER B 31 7.21 16.49 6.58
CA SER B 31 6.77 15.51 5.60
C SER B 31 5.42 14.91 6.01
N VAL B 32 4.87 14.11 5.10
CA VAL B 32 3.64 13.40 5.38
C VAL B 32 3.88 12.30 6.41
N ASN B 33 4.95 11.53 6.22
CA ASN B 33 5.27 10.41 7.10
C ASN B 33 6.31 10.82 8.15
N SER B 34 6.41 10.01 9.22
N SER B 34 6.41 10.01 9.21
CA SER B 34 7.44 10.28 10.21
CA SER B 34 7.45 10.21 10.20
C SER B 34 8.82 10.22 9.55
C SER B 34 8.82 10.23 9.52
N VAL B 35 9.76 11.00 10.09
CA VAL B 35 11.15 10.84 9.70
C VAL B 35 11.63 9.47 10.16
N ILE B 36 12.67 8.98 9.52
CA ILE B 36 13.37 7.77 9.95
C ILE B 36 14.60 8.24 10.71
N GLN B 37 14.60 8.03 12.00
CA GLN B 37 15.72 8.41 12.84
C GLN B 37 16.42 7.12 13.26
N ARG B 38 17.55 6.85 12.63
CA ARG B 38 18.32 5.64 12.91
C ARG B 38 19.33 5.97 14.01
N ALA B 39 19.27 5.25 15.12
CA ALA B 39 20.17 5.62 16.21
C ALA B 39 20.28 4.51 17.25
N SER B 40 21.49 4.36 17.78
CA SER B 40 21.74 3.85 19.12
C SER B 40 21.94 5.07 20.03
N SER B 41 23.08 5.75 19.87
CA SER B 41 23.34 6.98 20.59
C SER B 41 22.28 8.03 20.31
N LEU B 42 21.76 8.63 21.37
CA LEU B 42 20.95 9.85 21.28
C LEU B 42 21.63 10.89 22.16
N VAL B 43 21.88 12.06 21.60
CA VAL B 43 22.80 13.02 22.15
C VAL B 43 22.07 13.96 23.11
N PHE B 44 22.64 14.10 24.30
CA PHE B 44 22.19 15.04 25.31
C PHE B 44 23.01 16.32 25.20
N ASP B 45 22.35 17.44 24.96
CA ASP B 45 23.08 18.69 24.77
C ASP B 45 23.68 19.18 26.08
N THR B 46 23.04 18.84 27.20
CA THR B 46 23.44 19.29 28.52
C THR B 46 23.11 18.24 29.56
N VAL B 47 23.71 18.41 30.75
CA VAL B 47 23.38 17.57 31.88
C VAL B 47 21.89 17.66 32.21
N GLU B 48 21.31 18.86 32.16
CA GLU B 48 19.87 18.97 32.45
C GLU B 48 19.06 18.14 31.46
N ALA B 49 19.38 18.24 30.17
CA ALA B 49 18.68 17.43 29.16
C ALA B 49 18.84 15.95 29.45
N LYS B 50 20.04 15.52 29.88
CA LYS B 50 20.24 14.09 30.17
C LYS B 50 19.41 13.68 31.37
N LYS B 51 19.30 14.56 32.38
CA LYS B 51 18.47 14.23 33.53
C LYS B 51 17.00 14.11 33.14
N HIS B 52 16.52 15.06 32.34
CA HIS B 52 15.15 15.00 31.87
C HIS B 52 14.90 13.76 31.05
N ALA B 53 15.83 13.44 30.14
CA ALA B 53 15.69 12.25 29.31
C ALA B 53 15.69 11.00 30.15
N THR B 54 16.57 10.93 31.15
CA THR B 54 16.63 9.76 32.02
C THR B 54 15.31 9.57 32.75
N ARG B 55 14.81 10.64 33.38
CA ARG B 55 13.55 10.55 34.11
C ARG B 55 12.45 10.02 33.21
N ASN B 56 12.43 10.45 31.95
CA ASN B 56 11.33 10.19 31.03
C ASN B 56 11.70 9.18 29.95
N ARG B 57 12.64 8.28 30.25
CA ARG B 57 13.17 7.40 29.21
C ARG B 57 12.16 6.37 28.72
N ALA B 58 11.07 6.15 29.46
CA ALA B 58 10.00 5.27 29.00
C ALA B 58 8.75 6.05 28.62
N LYS B 59 8.86 7.36 28.49
CA LYS B 59 7.72 8.26 28.31
C LYS B 59 7.93 9.17 27.12
N GLY B 60 8.63 8.71 26.08
CA GLY B 60 8.64 9.41 24.81
C GLY B 60 9.65 10.54 24.67
N GLU B 61 10.63 10.63 25.56
CA GLU B 61 11.75 11.55 25.41
C GLU B 61 12.92 10.76 24.87
N LEU B 62 13.66 11.34 23.94
CA LEU B 62 14.80 10.66 23.37
C LEU B 62 15.85 10.39 24.44
N PHE B 63 16.20 9.12 24.60
CA PHE B 63 17.16 8.74 25.62
C PHE B 63 18.20 7.75 25.09
N TYR B 64 17.73 6.65 24.49
CA TYR B 64 18.63 5.65 23.93
C TYR B 64 17.86 4.85 22.91
N GLY B 65 18.58 4.40 21.87
CA GLY B 65 17.91 3.73 20.78
C GLY B 65 17.16 2.47 21.18
N ARG B 66 17.59 1.78 22.24
CA ARG B 66 16.86 0.59 22.63
C ARG B 66 15.47 0.94 23.17
N ARG B 67 15.29 2.15 23.70
CA ARG B 67 13.99 2.66 24.08
C ARG B 67 13.19 3.22 22.90
N GLY B 68 13.86 3.58 21.82
CA GLY B 68 13.17 4.13 20.66
C GLY B 68 13.68 5.47 20.23
N THR B 69 13.45 5.80 18.96
CA THR B 69 13.67 7.11 18.41
C THR B 69 12.32 7.71 18.02
N LEU B 70 12.38 8.88 17.39
CA LEU B 70 11.13 9.52 16.96
C LEU B 70 10.29 8.58 16.12
N THR B 71 10.93 7.73 15.32
CA THR B 71 10.21 6.85 14.42
C THR B 71 9.40 5.83 15.21
N HIS B 72 10.02 5.26 16.24
CA HIS B 72 9.29 4.35 17.12
C HIS B 72 8.16 5.06 17.83
N PHE B 73 8.43 6.27 18.34
CA PHE B 73 7.42 6.95 19.14
C PHE B 73 6.16 7.16 18.32
N SER B 74 6.34 7.46 17.04
CA SER B 74 5.22 7.70 16.15
C SER B 74 4.40 6.43 15.96
N LEU B 75 5.05 5.30 15.68
CA LEU B 75 4.32 4.04 15.56
C LEU B 75 3.60 3.70 16.85
N GLN B 76 4.26 3.86 18.00
CA GLN B 76 3.63 3.52 19.28
C GLN B 76 2.38 4.34 19.51
N GLU B 77 2.49 5.64 19.33
CA GLU B 77 1.33 6.52 19.42
C GLU B 77 0.23 6.05 18.49
N ALA B 78 0.60 5.61 17.28
CA ALA B 78 -0.41 5.18 16.32
C ALA B 78 -1.09 3.89 16.79
N MET B 79 -0.30 2.91 17.28
CA MET B 79 -0.92 1.67 17.72
C MET B 79 -1.81 1.91 18.95
N CYS B 80 -1.36 2.78 19.85
CA CYS B 80 -2.16 3.06 21.04
C CYS B 80 -3.47 3.72 20.67
N GLU B 81 -3.46 4.62 19.69
CA GLU B 81 -4.71 5.24 19.28
C GLU B 81 -5.65 4.21 18.67
N LEU B 82 -5.13 3.40 17.77
CA LEU B 82 -5.96 2.47 17.01
C LEU B 82 -6.50 1.34 17.89
N GLU B 83 -5.71 0.84 18.83
CA GLU B 83 -6.17 -0.25 19.69
C GLU B 83 -6.60 0.22 21.08
N GLY B 84 -6.62 1.53 21.32
CA GLY B 84 -7.14 2.04 22.60
C GLY B 84 -6.37 1.60 23.82
N GLY B 85 -5.04 1.62 23.75
CA GLY B 85 -4.20 1.18 24.84
C GLY B 85 -3.42 2.33 25.46
N ALA B 86 -2.76 2.01 26.58
CA ALA B 86 -1.87 2.93 27.26
C ALA B 86 -0.44 2.85 26.77
N GLY B 87 -0.06 1.76 26.13
CA GLY B 87 1.28 1.70 25.60
C GLY B 87 1.40 0.54 24.64
N CYS B 88 2.41 0.64 23.78
CA CYS B 88 2.67 -0.33 22.73
C CYS B 88 4.13 -0.74 22.81
N ALA B 89 4.38 -2.00 23.07
CA ALA B 89 5.73 -2.54 23.04
C ALA B 89 5.99 -3.16 21.68
N LEU B 90 7.23 -3.03 21.22
CA LEU B 90 7.63 -3.45 19.88
C LEU B 90 8.64 -4.59 19.98
N PHE B 91 8.57 -5.52 19.02
CA PHE B 91 9.38 -6.73 19.05
C PHE B 91 9.90 -7.09 17.66
N PRO B 92 10.97 -7.90 17.59
CA PRO B 92 11.51 -8.31 16.27
C PRO B 92 10.53 -9.03 15.38
N CYS B 93 9.51 -9.70 15.94
CA CYS B 93 8.52 -10.40 15.12
C CYS B 93 7.31 -10.78 15.98
N GLY B 94 6.28 -11.32 15.31
CA GLY B 94 5.08 -11.72 16.03
C GLY B 94 5.35 -12.80 17.06
N ALA B 95 6.22 -13.76 16.72
CA ALA B 95 6.50 -14.83 17.69
C ALA B 95 7.19 -14.29 18.92
N ALA B 96 8.10 -13.33 18.72
CA ALA B 96 8.78 -12.70 19.84
C ALA B 96 7.83 -11.91 20.71
N ALA B 97 6.82 -11.25 20.12
CA ALA B 97 5.84 -10.51 20.91
C ALA B 97 5.07 -11.46 21.82
N VAL B 98 4.67 -12.61 21.29
CA VAL B 98 3.93 -13.59 22.10
C VAL B 98 4.80 -14.08 23.26
N ALA B 99 5.97 -14.64 22.93
CA ALA B 99 6.84 -15.23 23.95
C ALA B 99 7.23 -14.22 25.01
N ASN B 100 7.55 -13.00 24.61
CA ASN B 100 8.03 -12.06 25.60
C ASN B 100 6.90 -11.38 26.37
N THR B 101 5.70 -11.31 25.79
CA THR B 101 4.61 -10.74 26.56
C THR B 101 4.15 -11.71 27.63
N ILE B 102 4.08 -12.99 27.31
CA ILE B 102 3.80 -14.00 28.34
C ILE B 102 4.87 -13.97 29.42
N LEU B 103 6.15 -14.04 29.02
CA LEU B 103 7.26 -14.07 29.98
C LEU B 103 7.26 -12.86 30.90
N ALA B 104 6.84 -11.70 30.39
CA ALA B 104 6.79 -10.49 31.19
C ALA B 104 5.89 -10.63 32.42
N PHE B 105 4.91 -11.54 32.39
CA PHE B 105 3.92 -11.62 33.47
C PHE B 105 3.93 -12.93 34.27
N VAL B 106 4.89 -13.83 34.06
CA VAL B 106 4.92 -15.09 34.79
C VAL B 106 6.19 -15.21 35.62
N GLU B 107 6.11 -16.03 36.66
CA GLU B 107 7.24 -16.31 37.53
C GLU B 107 7.14 -17.79 37.91
N GLN B 108 8.23 -18.33 38.44
N GLN B 108 8.23 -18.34 38.45
CA GLN B 108 8.24 -19.71 38.92
CA GLN B 108 8.22 -19.75 38.82
C GLN B 108 6.97 -19.98 39.72
C GLN B 108 7.04 -20.03 39.73
N GLY B 109 6.29 -21.07 39.39
CA GLY B 109 5.09 -21.46 40.09
C GLY B 109 3.78 -21.05 39.44
N ASP B 110 3.82 -20.14 38.49
CA ASP B 110 2.57 -19.69 37.89
C ASP B 110 2.07 -20.73 36.89
N HIS B 111 0.86 -20.48 36.40
CA HIS B 111 0.17 -21.37 35.47
C HIS B 111 -0.44 -20.54 34.35
N VAL B 112 -0.26 -21.00 33.12
CA VAL B 112 -0.79 -20.35 31.94
C VAL B 112 -1.93 -21.21 31.38
N LEU B 113 -3.01 -20.56 30.96
CA LEU B 113 -4.13 -21.24 30.33
C LEU B 113 -4.31 -20.70 28.91
N MET B 114 -4.11 -21.55 27.91
CA MET B 114 -4.00 -21.12 26.52
C MET B 114 -4.95 -21.92 25.65
N THR B 115 -5.60 -21.25 24.70
CA THR B 115 -6.46 -21.95 23.75
C THR B 115 -5.62 -22.97 23.01
N ASN B 116 -6.20 -24.14 22.75
CA ASN B 116 -5.45 -25.17 22.05
C ASN B 116 -5.44 -24.96 20.54
N THR B 117 -6.03 -23.87 20.05
CA THR B 117 -5.97 -23.46 18.66
C THR B 117 -4.91 -22.39 18.41
N ALA B 118 -4.08 -22.13 19.41
CA ALA B 118 -3.05 -21.12 19.32
C ALA B 118 -2.02 -21.51 18.28
N TYR B 119 -1.44 -20.48 17.66
CA TYR B 119 -0.28 -20.61 16.81
C TYR B 119 0.75 -21.56 17.41
N GLU B 120 1.19 -22.54 16.62
CA GLU B 120 2.04 -23.61 17.14
C GLU B 120 3.29 -23.11 17.85
N PRO B 121 4.07 -22.16 17.31
CA PRO B 121 5.21 -21.66 18.09
C PRO B 121 4.83 -21.01 19.42
N SER B 122 3.61 -20.49 19.55
CA SER B 122 3.20 -19.99 20.86
C SER B 122 3.03 -21.15 21.85
N GLN B 123 2.44 -22.25 21.41
CA GLN B 123 2.40 -23.45 22.26
C GLN B 123 3.82 -23.91 22.60
N ASP B 124 4.69 -24.03 21.60
CA ASP B 124 6.03 -24.52 21.86
C ASP B 124 6.78 -23.64 22.85
N PHE B 125 6.58 -22.31 22.81
CA PHE B 125 7.22 -21.48 23.83
C PHE B 125 6.77 -21.90 25.23
N CYS B 126 5.50 -22.22 25.38
CA CYS B 126 4.99 -22.63 26.68
C CYS B 126 5.57 -23.97 27.11
N THR B 127 5.56 -24.96 26.21
CA THR B 127 5.91 -26.32 26.60
C THR B 127 7.41 -26.57 26.63
N LYS B 128 8.20 -25.77 25.90
CA LYS B 128 9.64 -26.00 25.82
C LYS B 128 10.47 -24.96 26.58
N ILE B 129 9.95 -23.75 26.79
CA ILE B 129 10.67 -22.72 27.52
C ILE B 129 10.11 -22.53 28.92
N LEU B 130 8.83 -22.18 29.02
CA LEU B 130 8.23 -21.87 30.31
C LEU B 130 8.36 -23.04 31.27
N ALA B 131 8.11 -24.26 30.78
CA ALA B 131 8.08 -25.42 31.68
C ALA B 131 9.41 -25.61 32.40
N LYS B 132 10.52 -25.47 31.68
CA LYS B 132 11.82 -25.62 32.32
C LYS B 132 12.12 -24.49 33.29
N LEU B 133 11.23 -23.50 33.42
CA LEU B 133 11.42 -22.39 34.33
C LEU B 133 10.35 -22.36 35.41
N GLY B 134 9.59 -23.43 35.56
CA GLY B 134 8.64 -23.55 36.66
C GLY B 134 7.27 -23.01 36.38
N VAL B 135 6.91 -22.84 35.10
CA VAL B 135 5.61 -22.33 34.70
C VAL B 135 4.90 -23.42 33.93
N THR B 136 3.64 -23.68 34.27
CA THR B 136 2.89 -24.77 33.67
C THR B 136 1.78 -24.22 32.78
N THR B 137 1.26 -25.09 31.91
CA THR B 137 0.34 -24.68 30.87
C THR B 137 -0.77 -25.70 30.67
N GLY B 138 -2.02 -25.25 30.76
CA GLY B 138 -3.16 -26.04 30.40
C GLY B 138 -3.88 -25.45 29.20
N TRP B 139 -4.83 -26.21 28.68
CA TRP B 139 -5.41 -25.96 27.38
C TRP B 139 -6.93 -25.92 27.48
N PHE B 140 -7.55 -25.25 26.51
CA PHE B 140 -9.00 -25.22 26.44
C PHE B 140 -9.45 -25.12 25.00
N ASP B 141 -10.63 -25.67 24.76
CA ASP B 141 -11.27 -25.61 23.46
C ASP B 141 -11.65 -24.16 23.13
N PRO B 142 -11.51 -23.73 21.87
CA PRO B 142 -11.87 -22.34 21.54
C PRO B 142 -13.28 -21.97 21.94
N LEU B 143 -14.21 -22.91 21.95
CA LEU B 143 -15.62 -22.63 22.22
C LEU B 143 -16.01 -22.93 23.66
N ILE B 144 -15.04 -23.01 24.57
CA ILE B 144 -15.34 -23.34 25.97
C ILE B 144 -16.23 -22.29 26.61
N GLY B 145 -16.17 -21.05 26.15
CA GLY B 145 -17.01 -20.02 26.76
C GLY B 145 -16.85 -19.94 28.27
N ALA B 146 -17.98 -19.89 28.97
CA ALA B 146 -17.96 -19.62 30.41
C ALA B 146 -17.35 -20.76 31.21
N ASP B 147 -17.39 -21.99 30.68
CA ASP B 147 -16.82 -23.12 31.39
C ASP B 147 -15.32 -22.96 31.67
N ILE B 148 -14.67 -21.94 31.12
CA ILE B 148 -13.26 -21.77 31.37
C ILE B 148 -12.99 -21.55 32.85
N ALA B 149 -13.97 -21.00 33.58
CA ALA B 149 -13.81 -20.85 35.03
C ALA B 149 -13.48 -22.18 35.70
N ASN B 150 -13.93 -23.29 35.12
CA ASN B 150 -13.59 -24.61 35.65
C ASN B 150 -12.08 -24.86 35.62
N LEU B 151 -11.39 -24.36 34.60
CA LEU B 151 -9.98 -24.67 34.42
C LEU B 151 -9.08 -23.73 35.19
N ILE B 152 -9.61 -22.62 35.67
CA ILE B 152 -8.78 -21.63 36.33
C ILE B 152 -8.33 -22.16 37.68
N GLN B 153 -7.05 -21.99 37.98
CA GLN B 153 -6.40 -22.48 39.17
C GLN B 153 -5.93 -21.32 40.05
N PRO B 154 -5.65 -21.58 41.33
CA PRO B 154 -5.21 -20.49 42.23
C PRO B 154 -3.89 -19.84 41.82
N ASN B 155 -3.16 -20.41 40.87
CA ASN B 155 -1.90 -19.82 40.42
C ASN B 155 -1.91 -19.45 38.95
N THR B 156 -3.05 -19.63 38.26
CA THR B 156 -3.26 -19.18 36.90
C THR B 156 -3.10 -17.68 36.75
N LYS B 157 -1.93 -17.24 36.29
CA LYS B 157 -1.59 -15.82 36.15
C LYS B 157 -1.92 -15.27 34.77
N VAL B 158 -1.90 -16.09 33.72
CA VAL B 158 -2.12 -15.63 32.35
C VAL B 158 -3.18 -16.50 31.68
N VAL B 159 -4.15 -15.87 31.00
CA VAL B 159 -5.09 -16.58 30.12
C VAL B 159 -4.92 -16.08 28.68
N PHE B 160 -4.62 -16.99 27.75
CA PHE B 160 -4.14 -16.62 26.41
C PHE B 160 -5.17 -17.00 25.36
N LEU B 161 -5.74 -15.99 24.71
CA LEU B 161 -6.73 -16.17 23.67
C LEU B 161 -6.10 -16.00 22.30
N GLU B 162 -6.75 -16.58 21.28
CA GLU B 162 -6.40 -16.34 19.88
C GLU B 162 -7.65 -16.59 19.05
N SER B 163 -8.19 -15.54 18.41
CA SER B 163 -9.49 -15.64 17.75
C SER B 163 -9.55 -14.79 16.48
N PRO B 164 -9.78 -15.39 15.31
CA PRO B 164 -9.96 -16.82 15.03
C PRO B 164 -8.72 -17.61 15.39
N GLY B 165 -8.88 -18.91 15.57
CA GLY B 165 -7.76 -19.75 15.84
C GLY B 165 -6.86 -19.91 14.62
N SER B 166 -5.62 -20.26 14.88
CA SER B 166 -4.69 -20.56 13.80
C SER B 166 -5.17 -21.74 12.99
N ILE B 167 -5.12 -21.59 11.67
CA ILE B 167 -5.33 -22.65 10.68
C ILE B 167 -6.78 -23.08 10.61
N THR B 168 -7.41 -23.34 11.75
CA THR B 168 -8.77 -23.88 11.73
C THR B 168 -9.84 -22.82 11.95
N MET B 169 -9.48 -21.63 12.45
CA MET B 169 -10.27 -20.42 12.30
C MET B 169 -11.44 -20.34 13.26
N GLU B 170 -11.42 -21.06 14.37
CA GLU B 170 -12.55 -21.03 15.29
C GLU B 170 -12.52 -19.74 16.09
N VAL B 171 -13.68 -19.10 16.23
CA VAL B 171 -13.80 -17.81 16.93
C VAL B 171 -14.26 -18.03 18.36
N HIS B 172 -13.53 -17.43 19.31
CA HIS B 172 -13.93 -17.41 20.72
C HIS B 172 -15.22 -16.60 20.93
N ASP B 173 -15.96 -16.97 21.97
CA ASP B 173 -16.97 -16.10 22.56
C ASP B 173 -16.21 -15.34 23.63
N VAL B 174 -15.59 -14.24 23.23
CA VAL B 174 -14.68 -13.56 24.16
C VAL B 174 -15.47 -12.96 25.34
N PRO B 175 -16.60 -12.31 25.11
CA PRO B 175 -17.37 -11.77 26.26
C PRO B 175 -17.63 -12.80 27.35
N ALA B 176 -18.11 -13.98 26.96
CA ALA B 176 -18.34 -15.05 27.95
C ALA B 176 -17.05 -15.49 28.61
N ILE B 177 -15.94 -15.52 27.87
CA ILE B 177 -14.68 -15.96 28.46
C ILE B 177 -14.16 -14.93 29.46
N VAL B 178 -14.14 -13.67 29.06
CA VAL B 178 -13.64 -12.62 29.96
C VAL B 178 -14.48 -12.57 31.22
N ALA B 179 -15.81 -12.52 31.05
CA ALA B 179 -16.71 -12.47 32.20
C ALA B 179 -16.43 -13.63 33.16
N ALA B 180 -16.32 -14.84 32.63
CA ALA B 180 -16.02 -16.00 33.46
C ALA B 180 -14.68 -15.84 34.16
N VAL B 181 -13.67 -15.33 33.46
CA VAL B 181 -12.35 -15.20 34.06
C VAL B 181 -12.35 -14.15 35.17
N ARG B 182 -13.11 -13.07 34.96
CA ARG B 182 -13.09 -12.00 35.95
C ARG B 182 -13.82 -12.39 37.23
N ARG B 183 -14.75 -13.35 37.13
CA ARG B 183 -15.41 -13.86 38.33
C ARG B 183 -14.45 -14.64 39.22
N VAL B 184 -13.59 -15.45 38.63
CA VAL B 184 -12.80 -16.43 39.37
C VAL B 184 -11.44 -15.87 39.77
N ALA B 185 -10.74 -15.21 38.85
CA ALA B 185 -9.41 -14.67 39.10
C ALA B 185 -9.32 -13.28 38.50
N PRO B 186 -9.84 -12.27 39.18
CA PRO B 186 -9.95 -10.93 38.57
C PRO B 186 -8.62 -10.35 38.10
N GLU B 187 -7.52 -10.62 38.80
CA GLU B 187 -6.23 -10.00 38.49
C GLU B 187 -5.41 -10.84 37.52
N ALA B 188 -6.04 -11.80 36.86
CA ALA B 188 -5.40 -12.56 35.80
C ALA B 188 -5.12 -11.63 34.63
N ILE B 189 -4.02 -11.89 33.93
CA ILE B 189 -3.66 -11.16 32.73
C ILE B 189 -4.28 -11.91 31.55
N ILE B 190 -5.31 -11.33 30.94
CA ILE B 190 -5.92 -11.91 29.75
C ILE B 190 -5.22 -11.30 28.54
N MET B 191 -4.82 -12.17 27.61
CA MET B 191 -4.05 -11.79 26.43
C MET B 191 -4.72 -12.38 25.20
N ILE B 192 -4.55 -11.70 24.06
CA ILE B 192 -5.07 -12.25 22.82
C ILE B 192 -4.05 -11.99 21.72
N ASP B 193 -3.85 -12.99 20.87
CA ASP B 193 -3.13 -12.82 19.61
C ASP B 193 -4.18 -12.34 18.61
N ASN B 194 -4.19 -11.05 18.34
CA ASN B 194 -5.24 -10.40 17.57
C ASN B 194 -4.79 -10.15 16.13
N THR B 195 -3.92 -11.02 15.61
CA THR B 195 -3.25 -10.76 14.33
C THR B 195 -4.24 -10.84 13.16
N TRP B 196 -5.16 -11.80 13.21
CA TRP B 196 -6.08 -12.01 12.09
C TRP B 196 -6.94 -10.76 11.86
N ALA B 197 -7.31 -10.06 12.91
CA ALA B 197 -8.10 -8.83 12.84
C ALA B 197 -7.25 -7.58 12.57
N ALA B 198 -5.92 -7.73 12.57
CA ALA B 198 -4.97 -6.63 12.45
C ALA B 198 -5.18 -5.60 13.55
N GLY B 199 -5.68 -6.06 14.70
CA GLY B 199 -5.93 -5.21 15.85
C GLY B 199 -7.08 -4.24 15.69
N VAL B 200 -7.65 -4.11 14.49
CA VAL B 200 -8.67 -3.10 14.25
C VAL B 200 -10.05 -3.69 13.97
N LEU B 201 -10.14 -4.94 13.52
CA LEU B 201 -11.46 -5.52 13.25
C LEU B 201 -12.09 -6.12 14.50
N PHE B 202 -11.32 -6.25 15.57
CA PHE B 202 -11.76 -6.73 16.87
C PHE B 202 -11.03 -5.90 17.93
N LYS B 203 -11.76 -5.03 18.63
CA LYS B 203 -11.17 -4.09 19.58
C LYS B 203 -10.95 -4.79 20.92
N ALA B 204 -9.89 -5.59 20.98
CA ALA B 204 -9.66 -6.48 22.11
C ALA B 204 -9.75 -5.77 23.45
N LEU B 205 -9.12 -4.59 23.55
N LEU B 205 -9.12 -4.58 23.56
CA LEU B 205 -9.07 -3.90 24.83
CA LEU B 205 -9.07 -3.91 24.84
C LEU B 205 -10.44 -3.38 25.27
C LEU B 205 -10.44 -3.38 25.27
N ASP B 206 -11.36 -3.19 24.33
CA ASP B 206 -12.73 -2.80 24.65
C ASP B 206 -13.56 -3.95 25.21
N PHE B 207 -13.03 -5.18 25.20
CA PHE B 207 -13.72 -6.35 25.71
C PHE B 207 -13.22 -6.77 27.08
N GLY B 208 -12.32 -6.01 27.69
CA GLY B 208 -11.75 -6.39 28.96
C GLY B 208 -10.46 -7.18 28.87
N ILE B 209 -9.99 -7.48 27.67
CA ILE B 209 -8.67 -8.08 27.53
C ILE B 209 -7.62 -7.05 27.94
N ASP B 210 -6.54 -7.53 28.58
CA ASP B 210 -5.51 -6.62 29.09
C ASP B 210 -4.51 -6.22 28.01
N ILE B 211 -4.17 -7.14 27.12
CA ILE B 211 -3.07 -6.94 26.17
C ILE B 211 -3.45 -7.57 24.84
N SER B 212 -3.35 -6.80 23.76
CA SER B 212 -3.57 -7.28 22.40
C SER B 212 -2.23 -7.37 21.67
N ILE B 213 -1.85 -8.59 21.26
CA ILE B 213 -0.57 -8.86 20.60
C ILE B 213 -0.83 -9.05 19.11
N GLN B 214 0.10 -8.56 18.28
CA GLN B 214 0.00 -8.67 16.83
C GLN B 214 1.32 -9.09 16.23
N ALA B 215 1.24 -9.97 15.24
CA ALA B 215 2.31 -10.09 14.23
C ALA B 215 2.03 -9.00 13.21
N ALA B 216 2.59 -7.80 13.45
CA ALA B 216 2.46 -6.70 12.48
C ALA B 216 3.04 -7.11 11.14
N THR B 217 3.85 -8.19 11.14
CA THR B 217 4.34 -8.90 9.97
C THR B 217 3.28 -9.14 8.92
N LYS B 218 2.03 -9.33 9.36
CA LYS B 218 0.98 -9.71 8.45
C LYS B 218 0.34 -8.45 7.87
N TYR B 219 -0.90 -8.11 8.24
CA TYR B 219 -1.60 -7.06 7.52
C TYR B 219 -1.02 -5.68 7.75
N LEU B 220 -0.42 -5.42 8.89
CA LEU B 220 0.04 -4.05 9.14
C LEU B 220 1.15 -3.69 8.15
N ILE B 221 2.15 -4.55 8.03
CA ILE B 221 3.16 -4.38 6.98
C ILE B 221 2.52 -4.53 5.61
N GLY B 222 1.79 -5.62 5.41
CA GLY B 222 0.92 -5.75 4.27
C GLY B 222 1.55 -6.20 2.98
N HIS B 223 2.88 -6.43 2.96
CA HIS B 223 3.58 -6.68 1.70
C HIS B 223 4.60 -7.80 1.84
N SER B 224 4.54 -8.59 2.90
CA SER B 224 5.37 -9.79 3.07
C SER B 224 6.87 -9.50 3.14
N ASP B 225 7.28 -8.26 3.45
CA ASP B 225 8.69 -7.88 3.39
C ASP B 225 9.21 -7.22 4.67
N GLY B 226 8.53 -7.41 5.79
CA GLY B 226 9.03 -6.94 7.06
C GLY B 226 8.48 -7.84 8.15
N MET B 227 9.24 -7.96 9.23
CA MET B 227 8.81 -8.74 10.39
C MET B 227 8.86 -7.86 11.60
N ILE B 228 7.81 -7.94 12.43
CA ILE B 228 7.67 -7.08 13.59
C ILE B 228 6.47 -7.53 14.40
N GLY B 229 6.60 -7.50 15.71
CA GLY B 229 5.51 -7.81 16.61
C GLY B 229 5.19 -6.60 17.47
N THR B 230 3.92 -6.49 17.84
CA THR B 230 3.47 -5.42 18.73
C THR B 230 2.62 -5.98 19.85
N ALA B 231 2.64 -5.30 20.99
CA ALA B 231 1.75 -5.65 22.10
C ALA B 231 1.26 -4.36 22.71
N VAL B 232 -0.06 -4.16 22.68
CA VAL B 232 -0.70 -2.95 23.18
C VAL B 232 -1.44 -3.32 24.45
N ALA B 233 -1.04 -2.70 25.56
CA ALA B 233 -1.54 -2.98 26.90
C ALA B 233 -2.41 -1.85 27.44
N ASN B 234 -3.37 -2.23 28.30
CA ASN B 234 -4.10 -1.24 29.07
C ASN B 234 -3.22 -0.65 30.17
N ALA B 235 -3.75 0.35 30.86
CA ALA B 235 -2.95 1.05 31.87
C ALA B 235 -2.54 0.11 32.99
N ARG B 236 -3.36 -0.88 33.30
CA ARG B 236 -3.06 -1.79 34.39
C ARG B 236 -1.76 -2.55 34.14
N CYS B 237 -1.54 -3.04 32.91
CA CYS B 237 -0.43 -3.93 32.64
C CYS B 237 0.71 -3.31 31.86
N TRP B 238 0.58 -2.07 31.39
CA TRP B 238 1.60 -1.47 30.53
C TRP B 238 3.00 -1.49 31.17
N GLU B 239 3.12 -0.97 32.39
CA GLU B 239 4.47 -0.76 32.91
C GLU B 239 5.21 -2.08 33.11
N GLN B 240 4.50 -3.14 33.50
CA GLN B 240 5.20 -4.41 33.65
C GLN B 240 5.61 -4.94 32.28
N LEU B 241 4.71 -4.88 31.31
CA LEU B 241 5.04 -5.29 29.96
C LEU B 241 6.26 -4.52 29.45
N CYS B 242 6.19 -3.19 29.51
CA CYS B 242 7.24 -2.36 28.97
C CYS B 242 8.60 -2.67 29.59
N GLU B 243 8.66 -2.72 30.94
CA GLU B 243 9.97 -2.86 31.57
C GLU B 243 10.52 -4.28 31.50
N ASN B 244 9.65 -5.29 31.52
CA ASN B 244 10.13 -6.67 31.45
C ASN B 244 10.55 -7.05 30.03
N ALA B 245 9.79 -6.61 29.02
CA ALA B 245 10.25 -6.77 27.63
C ALA B 245 11.57 -6.06 27.40
N TYR B 246 11.74 -4.86 27.97
CA TYR B 246 12.98 -4.11 27.84
C TYR B 246 14.16 -4.82 28.50
N LEU B 247 13.92 -5.55 29.59
CA LEU B 247 15.02 -6.26 30.24
C LEU B 247 15.52 -7.41 29.37
N MET B 248 14.66 -7.95 28.51
CA MET B 248 15.04 -8.93 27.50
C MET B 248 15.56 -8.28 26.22
N GLY B 249 15.72 -6.96 26.23
CA GLY B 249 16.28 -6.25 25.11
C GLY B 249 15.39 -6.17 23.89
N GLN B 250 14.07 -6.28 24.04
CA GLN B 250 13.20 -6.38 22.89
C GLN B 250 12.95 -5.02 22.25
N MET B 251 13.13 -4.94 20.95
CA MET B 251 12.91 -3.72 20.21
C MET B 251 12.76 -4.12 18.74
N ILE B 252 12.44 -3.12 17.92
CA ILE B 252 12.43 -3.27 16.47
C ILE B 252 13.27 -2.13 15.88
N ASP B 253 13.81 -2.36 14.67
CA ASP B 253 14.62 -1.34 14.00
C ASP B 253 13.74 -0.20 13.49
N ALA B 254 14.34 0.98 13.42
CA ALA B 254 13.56 2.16 13.05
C ALA B 254 12.91 2.01 11.67
N ASP B 255 13.64 1.45 10.70
CA ASP B 255 13.06 1.39 9.35
C ASP B 255 11.82 0.51 9.31
N THR B 256 11.85 -0.62 10.00
CA THR B 256 10.68 -1.46 10.05
C THR B 256 9.53 -0.79 10.78
N ALA B 257 9.82 -0.01 11.83
CA ALA B 257 8.76 0.76 12.47
C ALA B 257 8.11 1.71 11.46
N TYR B 258 8.95 2.44 10.71
CA TYR B 258 8.44 3.30 9.65
C TYR B 258 7.53 2.55 8.70
N MET B 259 7.97 1.39 8.24
CA MET B 259 7.18 0.64 7.27
C MET B 259 5.88 0.15 7.87
N THR B 260 5.85 -0.07 9.20
CA THR B 260 4.59 -0.47 9.84
C THR B 260 3.63 0.69 9.90
N SER B 261 4.11 1.87 10.33
CA SER B 261 3.30 3.08 10.27
C SER B 261 2.72 3.26 8.86
N ARG B 262 3.59 3.08 7.86
CA ARG B 262 3.21 3.29 6.46
C ARG B 262 2.16 2.29 6.01
N GLY B 263 2.27 1.02 6.42
CA GLY B 263 1.23 0.06 6.12
C GLY B 263 -0.14 0.41 6.70
N LEU B 264 -0.18 1.02 7.89
CA LEU B 264 -1.44 1.45 8.47
C LEU B 264 -2.27 2.26 7.48
N ARG B 265 -1.61 3.08 6.68
CA ARG B 265 -2.31 4.06 5.85
C ARG B 265 -3.22 3.41 4.81
N THR B 266 -2.90 2.20 4.37
CA THR B 266 -3.72 1.52 3.38
C THR B 266 -4.46 0.33 3.98
N LEU B 267 -4.44 0.21 5.31
CA LEU B 267 -4.96 -1.01 5.94
C LEU B 267 -6.45 -1.14 5.71
N GLY B 268 -7.17 -0.03 5.74
CA GLY B 268 -8.61 -0.07 5.51
C GLY B 268 -8.97 -0.53 4.11
N VAL B 269 -8.36 0.10 3.10
N VAL B 269 -8.32 0.08 3.11
CA VAL B 269 -8.68 -0.28 1.73
CA VAL B 269 -8.68 -0.25 1.73
C VAL B 269 -8.30 -1.73 1.51
C VAL B 269 -8.21 -1.66 1.39
N ARG B 270 -7.14 -2.13 2.01
CA ARG B 270 -6.71 -3.51 1.80
C ARG B 270 -7.69 -4.49 2.45
N LEU B 271 -7.98 -4.30 3.73
CA LEU B 271 -8.81 -5.27 4.44
C LEU B 271 -10.19 -5.41 3.79
N ARG B 272 -10.75 -4.31 3.27
CA ARG B 272 -12.06 -4.41 2.65
C ARG B 272 -12.02 -5.31 1.42
N GLN B 273 -10.93 -5.23 0.63
N GLN B 273 -10.91 -5.24 0.67
CA GLN B 273 -10.83 -6.13 -0.50
CA GLN B 273 -10.77 -6.10 -0.50
C GLN B 273 -10.58 -7.56 -0.04
C GLN B 273 -10.50 -7.54 -0.10
N HIS B 274 -9.76 -7.74 1.00
CA HIS B 274 -9.50 -9.10 1.47
C HIS B 274 -10.79 -9.76 1.96
N HIS B 275 -11.58 -9.00 2.72
CA HIS B 275 -12.89 -9.48 3.18
C HIS B 275 -13.77 -9.87 2.00
N GLU B 276 -14.00 -8.92 1.11
CA GLU B 276 -14.84 -9.17 -0.05
C GLU B 276 -14.38 -10.39 -0.84
N SER B 277 -13.09 -10.43 -1.23
CA SER B 277 -12.65 -11.48 -2.13
C SER B 277 -12.72 -12.84 -1.45
N SER B 278 -12.29 -12.90 -0.19
CA SER B 278 -12.15 -14.19 0.44
C SER B 278 -13.53 -14.77 0.76
N LEU B 279 -14.49 -13.91 1.13
CA LEU B 279 -15.82 -14.44 1.41
C LEU B 279 -16.45 -14.98 0.12
N ARG B 280 -16.21 -14.31 -1.01
CA ARG B 280 -16.67 -14.88 -2.27
C ARG B 280 -16.04 -16.25 -2.51
N VAL B 281 -14.72 -16.35 -2.38
CA VAL B 281 -14.07 -17.66 -2.58
C VAL B 281 -14.74 -18.71 -1.70
N ALA B 282 -14.90 -18.39 -0.42
CA ALA B 282 -15.42 -19.37 0.54
C ALA B 282 -16.87 -19.73 0.23
N GLU B 283 -17.67 -18.78 -0.25
CA GLU B 283 -19.03 -19.11 -0.66
C GLU B 283 -19.03 -20.12 -1.80
N TRP B 284 -18.15 -19.93 -2.79
CA TRP B 284 -18.03 -20.87 -3.89
C TRP B 284 -17.58 -22.24 -3.39
N LEU B 285 -16.64 -22.26 -2.44
CA LEU B 285 -16.08 -23.52 -1.94
C LEU B 285 -17.10 -24.31 -1.13
N ALA B 286 -17.95 -23.60 -0.39
CA ALA B 286 -18.93 -24.29 0.45
C ALA B 286 -20.03 -24.93 -0.39
N GLN B 287 -20.15 -24.52 -1.65
CA GLN B 287 -21.02 -25.16 -2.64
C GLN B 287 -20.30 -26.25 -3.41
N HIS B 288 -19.03 -26.57 -3.08
CA HIS B 288 -18.25 -27.32 -4.04
C HIS B 288 -18.24 -28.81 -3.70
N PRO B 289 -18.46 -29.67 -4.70
CA PRO B 289 -18.52 -31.12 -4.42
C PRO B 289 -17.28 -31.69 -3.78
N GLN B 290 -16.10 -31.12 -4.04
CA GLN B 290 -14.87 -31.68 -3.51
C GLN B 290 -14.48 -31.09 -2.16
N VAL B 291 -15.34 -30.27 -1.57
CA VAL B 291 -15.06 -29.59 -0.30
C VAL B 291 -15.94 -30.20 0.79
N ALA B 292 -15.30 -30.63 1.88
CA ALA B 292 -16.03 -31.15 3.04
C ALA B 292 -16.57 -30.05 3.92
N ARG B 293 -15.71 -29.10 4.28
N ARG B 293 -15.70 -29.11 4.31
CA ARG B 293 -16.05 -28.01 5.20
CA ARG B 293 -16.01 -28.03 5.24
C ARG B 293 -15.36 -26.74 4.72
C ARG B 293 -15.34 -26.75 4.75
N VAL B 294 -15.91 -25.60 5.13
CA VAL B 294 -15.30 -24.30 4.90
C VAL B 294 -15.22 -23.58 6.24
N ASN B 295 -14.00 -23.22 6.67
CA ASN B 295 -13.77 -22.48 7.92
C ASN B 295 -13.40 -21.04 7.57
N HIS B 296 -14.42 -20.22 7.39
CA HIS B 296 -14.28 -18.78 7.23
C HIS B 296 -15.18 -18.11 8.24
N PRO B 297 -14.63 -17.35 9.22
CA PRO B 297 -15.50 -16.76 10.26
C PRO B 297 -16.65 -15.92 9.76
N ALA B 298 -16.50 -15.23 8.62
CA ALA B 298 -17.59 -14.46 8.05
C ALA B 298 -18.56 -15.32 7.28
N LEU B 299 -18.33 -16.63 7.20
CA LEU B 299 -19.21 -17.50 6.44
C LEU B 299 -20.27 -18.07 7.39
N PRO B 300 -21.56 -17.84 7.15
CA PRO B 300 -22.58 -18.50 7.98
C PRO B 300 -22.33 -20.00 8.09
N GLY B 301 -22.22 -20.48 9.33
CA GLY B 301 -22.05 -21.90 9.61
C GLY B 301 -20.71 -22.25 10.23
N SER B 302 -19.72 -21.38 10.13
CA SER B 302 -18.38 -21.67 10.63
C SER B 302 -18.37 -21.62 12.15
N LYS B 303 -17.45 -22.38 12.74
CA LYS B 303 -17.40 -22.47 14.19
C LYS B 303 -17.16 -21.11 14.83
N GLY B 304 -18.20 -20.51 15.39
CA GLY B 304 -18.08 -19.22 16.01
C GLY B 304 -18.53 -18.09 15.12
N HIS B 305 -19.03 -18.37 13.93
CA HIS B 305 -19.46 -17.31 13.04
C HIS B 305 -20.36 -16.32 13.76
N GLU B 306 -21.22 -16.81 14.64
CA GLU B 306 -22.17 -15.92 15.29
C GLU B 306 -21.44 -14.91 16.17
N PHE B 307 -20.40 -15.35 16.90
CA PHE B 307 -19.59 -14.40 17.66
C PHE B 307 -18.90 -13.40 16.74
N TRP B 308 -18.38 -13.88 15.61
CA TRP B 308 -17.76 -12.97 14.64
C TRP B 308 -18.75 -11.91 14.19
N LYS B 309 -19.93 -12.34 13.77
CA LYS B 309 -20.96 -11.40 13.33
C LYS B 309 -21.24 -10.35 14.41
N ARG B 310 -21.08 -10.72 15.68
CA ARG B 310 -21.45 -9.85 16.78
C ARG B 310 -20.33 -8.97 17.27
N ASP B 311 -19.09 -9.49 17.32
CA ASP B 311 -18.00 -8.85 18.01
C ASP B 311 -16.95 -8.23 17.10
N PHE B 312 -16.97 -8.52 15.81
CA PHE B 312 -15.96 -8.09 14.85
C PHE B 312 -16.59 -7.06 13.93
N SER B 313 -15.80 -6.10 13.46
CA SER B 313 -16.32 -5.10 12.54
C SER B 313 -15.98 -5.41 11.09
N GLY B 314 -15.38 -6.56 10.82
CA GLY B 314 -15.13 -6.99 9.46
C GLY B 314 -14.28 -8.25 9.48
N SER B 315 -13.80 -8.64 8.29
CA SER B 315 -13.00 -9.85 8.13
C SER B 315 -11.71 -9.52 7.38
N SER B 316 -10.68 -10.32 7.60
CA SER B 316 -9.48 -10.28 6.74
C SER B 316 -9.61 -11.41 5.70
N GLY B 317 -8.51 -11.74 5.02
CA GLY B 317 -8.56 -12.65 3.88
C GLY B 317 -8.07 -14.06 4.13
N LEU B 318 -7.77 -14.42 5.37
CA LEU B 318 -7.21 -15.72 5.69
C LEU B 318 -8.31 -16.66 6.17
N PHE B 319 -8.41 -17.83 5.55
CA PHE B 319 -9.33 -18.86 6.02
C PHE B 319 -8.82 -20.22 5.57
N SER B 320 -9.67 -21.24 5.69
CA SER B 320 -9.25 -22.59 5.37
C SER B 320 -10.46 -23.42 4.97
N PHE B 321 -10.18 -24.55 4.36
CA PHE B 321 -11.24 -25.50 4.03
C PHE B 321 -10.63 -26.89 4.02
N VAL B 322 -11.52 -27.88 4.02
CA VAL B 322 -11.19 -29.29 4.15
C VAL B 322 -11.63 -30.00 2.88
N LEU B 323 -10.72 -30.75 2.28
CA LEU B 323 -11.00 -31.50 1.07
C LEU B 323 -11.78 -32.78 1.40
N ASN B 324 -12.41 -33.35 0.39
CA ASN B 324 -13.12 -34.61 0.58
C ASN B 324 -12.20 -35.78 0.88
N LYS B 325 -10.88 -35.58 0.95
CA LYS B 325 -9.96 -36.71 1.06
C LYS B 325 -8.66 -36.25 1.71
N ARG B 326 -7.97 -37.18 2.36
CA ARG B 326 -6.60 -36.94 2.79
C ARG B 326 -5.67 -37.26 1.62
N LEU B 327 -5.25 -36.21 0.91
CA LEU B 327 -4.35 -36.34 -0.22
C LEU B 327 -3.06 -37.05 0.15
N THR B 328 -2.61 -37.96 -0.73
CA THR B 328 -1.28 -38.55 -0.58
C THR B 328 -0.20 -37.51 -0.87
N ASP B 329 1.04 -37.90 -0.58
CA ASP B 329 2.19 -37.11 -0.96
C ASP B 329 2.17 -36.79 -2.45
N ALA B 330 1.81 -37.78 -3.27
CA ALA B 330 1.79 -37.60 -4.72
C ALA B 330 0.63 -36.68 -5.15
N GLU B 331 -0.56 -36.83 -4.55
CA GLU B 331 -1.65 -35.92 -4.87
C GLU B 331 -1.32 -34.49 -4.45
N LEU B 332 -0.67 -34.34 -3.30
CA LEU B 332 -0.32 -33.02 -2.80
C LEU B 332 0.58 -32.29 -3.78
N ALA B 333 1.55 -33.00 -4.37
CA ALA B 333 2.42 -32.38 -5.36
C ALA B 333 1.62 -31.98 -6.60
N ALA B 334 0.76 -32.88 -7.09
CA ALA B 334 -0.01 -32.57 -8.29
C ALA B 334 -0.91 -31.38 -8.05
N TYR B 335 -1.44 -31.26 -6.83
CA TYR B 335 -2.31 -30.14 -6.48
C TYR B 335 -1.51 -28.87 -6.33
N LEU B 336 -0.51 -28.87 -5.43
CA LEU B 336 0.12 -27.63 -4.98
C LEU B 336 1.16 -27.14 -5.95
N ASP B 337 1.85 -28.05 -6.66
CA ASP B 337 2.99 -27.65 -7.48
C ASP B 337 2.58 -26.86 -8.72
N ASN B 338 1.30 -26.93 -9.12
CA ASN B 338 0.89 -26.47 -10.43
C ASN B 338 -0.14 -25.34 -10.39
N PHE B 339 -0.33 -24.68 -9.26
CA PHE B 339 -1.11 -23.45 -9.27
C PHE B 339 -0.38 -22.37 -10.07
N SER B 340 -1.17 -21.49 -10.71
CA SER B 340 -0.60 -20.37 -11.47
C SER B 340 -0.54 -19.09 -10.68
N LEU B 341 -1.43 -18.90 -9.70
CA LEU B 341 -1.53 -17.65 -8.96
C LEU B 341 -1.26 -17.81 -7.48
N PHE B 342 -1.85 -18.80 -6.84
CA PHE B 342 -1.53 -19.08 -5.47
C PHE B 342 -0.08 -19.55 -5.38
N SER B 343 0.65 -19.08 -4.37
CA SER B 343 2.00 -19.53 -4.08
C SER B 343 2.05 -20.29 -2.76
N MET B 344 2.98 -21.24 -2.65
CA MET B 344 3.23 -21.93 -1.39
C MET B 344 4.26 -21.17 -0.56
N ALA B 345 3.87 -20.79 0.65
CA ALA B 345 4.75 -20.09 1.57
C ALA B 345 4.04 -20.02 2.92
N TYR B 346 4.82 -19.74 3.96
CA TYR B 346 4.27 -19.38 5.25
C TYR B 346 4.00 -17.87 5.28
N SER B 347 3.45 -17.43 6.39
CA SER B 347 3.00 -16.06 6.59
C SER B 347 1.79 -15.80 5.72
N TRP B 348 1.30 -14.57 5.77
CA TRP B 348 0.04 -14.20 5.16
C TRP B 348 -0.17 -12.71 5.41
N GLY B 349 -1.30 -12.16 4.96
CA GLY B 349 -1.58 -10.75 5.19
C GLY B 349 -0.95 -9.82 4.17
N GLY B 350 -0.33 -10.36 3.12
CA GLY B 350 0.22 -9.52 2.06
C GLY B 350 -0.76 -9.32 0.92
N PHE B 351 -0.22 -8.82 -0.20
CA PHE B 351 -1.01 -8.55 -1.39
C PHE B 351 -1.20 -9.77 -2.27
N GLU B 352 -0.46 -10.84 -2.07
CA GLU B 352 -0.54 -11.98 -2.97
C GLU B 352 -1.22 -13.14 -2.25
N SER B 353 -1.82 -14.01 -3.06
CA SER B 353 -2.57 -15.12 -2.52
C SER B 353 -1.66 -16.28 -2.25
N LEU B 354 -1.88 -16.94 -1.12
CA LEU B 354 -1.03 -18.03 -0.68
C LEU B 354 -1.86 -19.27 -0.45
N ILE B 355 -1.19 -20.42 -0.53
CA ILE B 355 -1.84 -21.70 -0.26
C ILE B 355 -0.90 -22.61 0.52
N LEU B 356 -1.44 -23.29 1.54
CA LEU B 356 -0.68 -24.16 2.43
C LEU B 356 -1.57 -25.34 2.81
N ALA B 357 -1.01 -26.54 2.85
CA ALA B 357 -1.76 -27.73 3.22
C ALA B 357 -1.29 -28.26 4.57
N ASN B 358 -2.24 -28.75 5.38
CA ASN B 358 -1.96 -29.43 6.64
C ASN B 358 -2.76 -30.72 6.66
N GLN B 359 -2.10 -31.82 6.88
CA GLN B 359 -2.86 -33.05 6.92
C GLN B 359 -3.56 -33.17 8.27
N PRO B 360 -4.74 -33.81 8.29
CA PRO B 360 -5.54 -33.83 9.54
C PRO B 360 -4.77 -34.33 10.73
N GLU B 361 -3.92 -35.34 10.54
CA GLU B 361 -3.10 -35.81 11.65
C GLU B 361 -2.11 -34.75 12.11
N HIS B 362 -1.61 -33.90 11.19
CA HIS B 362 -0.72 -32.82 11.60
C HIS B 362 -1.44 -31.81 12.48
N ILE B 363 -2.69 -31.47 12.12
CA ILE B 363 -3.47 -30.56 12.95
C ILE B 363 -3.72 -31.20 14.32
N ALA B 364 -4.13 -32.46 14.32
CA ALA B 364 -4.41 -33.13 15.59
C ALA B 364 -3.22 -33.00 16.52
N ALA B 365 -2.01 -33.14 15.99
CA ALA B 365 -0.78 -33.08 16.77
C ALA B 365 -0.49 -31.70 17.36
N ILE B 366 -1.11 -30.64 16.86
CA ILE B 366 -0.93 -29.33 17.49
C ILE B 366 -2.21 -28.87 18.18
N ARG B 367 -3.09 -29.81 18.54
CA ARG B 367 -4.31 -29.53 19.29
C ARG B 367 -4.21 -30.27 20.62
N PRO B 368 -3.46 -29.74 21.58
CA PRO B 368 -3.18 -30.49 22.80
C PRO B 368 -4.46 -30.82 23.57
N GLU B 369 -4.60 -32.11 23.92
CA GLU B 369 -5.73 -32.61 24.70
C GLU B 369 -7.04 -32.47 23.92
N ALA B 370 -6.97 -32.58 22.60
CA ALA B 370 -8.15 -32.62 21.75
C ALA B 370 -7.84 -33.49 20.55
N GLU B 371 -8.86 -33.79 19.76
CA GLU B 371 -8.70 -34.41 18.45
C GLU B 371 -9.34 -33.51 17.40
N VAL B 372 -9.21 -33.89 16.14
CA VAL B 372 -9.81 -33.14 15.06
C VAL B 372 -11.09 -33.85 14.67
N ASP B 373 -11.98 -33.12 14.00
CA ASP B 373 -13.28 -33.64 13.61
C ASP B 373 -13.41 -33.66 12.10
N PHE B 374 -12.28 -33.81 11.40
CA PHE B 374 -12.26 -33.89 9.96
C PHE B 374 -11.19 -34.88 9.55
N SER B 375 -11.38 -35.48 8.38
CA SER B 375 -10.42 -36.47 7.89
C SER B 375 -9.78 -36.08 6.57
N GLY B 376 -10.32 -35.07 5.86
CA GLY B 376 -9.70 -34.59 4.66
C GLY B 376 -8.51 -33.67 4.93
N THR B 377 -7.71 -33.48 3.88
CA THR B 377 -6.61 -32.52 3.96
C THR B 377 -7.17 -31.11 4.13
N LEU B 378 -6.54 -30.34 5.01
CA LEU B 378 -6.98 -28.97 5.29
C LEU B 378 -6.11 -28.00 4.50
N ILE B 379 -6.74 -27.18 3.65
CA ILE B 379 -6.05 -26.18 2.85
C ILE B 379 -6.31 -24.80 3.45
N ARG B 380 -5.23 -24.09 3.79
CA ARG B 380 -5.34 -22.72 4.28
C ARG B 380 -5.00 -21.75 3.16
N LEU B 381 -5.88 -20.79 2.93
CA LEU B 381 -5.76 -19.83 1.84
C LEU B 381 -5.62 -18.45 2.43
N HIS B 382 -4.64 -17.71 1.95
CA HIS B 382 -4.68 -16.27 2.08
C HIS B 382 -5.11 -15.70 0.73
N ILE B 383 -6.20 -14.94 0.75
CA ILE B 383 -6.75 -14.34 -0.45
C ILE B 383 -6.21 -12.92 -0.53
N GLY B 384 -5.35 -12.69 -1.52
CA GLY B 384 -4.74 -11.40 -1.76
C GLY B 384 -5.59 -10.48 -2.62
N LEU B 385 -4.91 -9.61 -3.37
CA LEU B 385 -5.53 -8.54 -4.12
C LEU B 385 -5.70 -8.87 -5.59
N GLU B 386 -5.47 -10.11 -5.99
CA GLU B 386 -5.69 -10.47 -7.38
C GLU B 386 -7.18 -10.43 -7.70
N ASN B 387 -7.49 -10.40 -8.98
CA ASN B 387 -8.89 -10.54 -9.42
C ASN B 387 -9.49 -11.85 -8.91
N VAL B 388 -10.63 -11.76 -8.22
CA VAL B 388 -11.13 -12.96 -7.55
C VAL B 388 -11.56 -14.01 -8.57
N ASP B 389 -11.97 -13.62 -9.77
CA ASP B 389 -12.36 -14.63 -10.75
C ASP B 389 -11.15 -15.38 -11.28
N ASP B 390 -10.02 -14.69 -11.47
CA ASP B 390 -8.77 -15.38 -11.77
C ASP B 390 -8.45 -16.41 -10.69
N LEU B 391 -8.62 -16.04 -9.42
CA LEU B 391 -8.26 -16.94 -8.32
C LEU B 391 -9.19 -18.15 -8.26
N LEU B 392 -10.48 -17.95 -8.52
CA LEU B 392 -11.40 -19.08 -8.59
C LEU B 392 -11.02 -20.04 -9.71
N ALA B 393 -10.63 -19.50 -10.87
CA ALA B 393 -10.20 -20.35 -11.97
C ALA B 393 -8.99 -21.18 -11.57
N ASP B 394 -8.09 -20.61 -10.76
CA ASP B 394 -6.92 -21.33 -10.29
C ASP B 394 -7.32 -22.47 -9.35
N LEU B 395 -8.19 -22.18 -8.39
CA LEU B 395 -8.67 -23.23 -7.49
C LEU B 395 -9.42 -24.32 -8.25
N ALA B 396 -10.18 -23.94 -9.27
CA ALA B 396 -10.91 -24.95 -10.04
C ALA B 396 -9.96 -25.86 -10.77
N ALA B 397 -8.93 -25.29 -11.39
CA ALA B 397 -7.90 -26.12 -12.02
C ALA B 397 -7.23 -27.02 -10.99
N GLY B 398 -7.04 -26.51 -9.77
CA GLY B 398 -6.50 -27.35 -8.72
C GLY B 398 -7.38 -28.54 -8.41
N PHE B 399 -8.69 -28.32 -8.31
CA PHE B 399 -9.63 -29.42 -8.03
C PHE B 399 -9.60 -30.47 -9.13
N ALA B 400 -9.56 -30.04 -10.40
CA ALA B 400 -9.47 -30.99 -11.50
C ALA B 400 -8.24 -31.89 -11.38
N ARG B 401 -7.16 -31.41 -10.76
CA ARG B 401 -5.94 -32.20 -10.69
C ARG B 401 -6.02 -33.33 -9.69
N ILE B 402 -6.96 -33.28 -8.74
CA ILE B 402 -7.07 -34.28 -7.68
C ILE B 402 -8.41 -34.98 -7.69
N VAL B 403 -9.19 -34.84 -8.76
CA VAL B 403 -10.53 -35.41 -8.76
C VAL B 403 -10.43 -36.93 -8.85
N1 PLP C . 3.87 15.47 -14.29
C2 PLP C . 2.71 15.84 -13.63
C2A PLP C . 1.39 15.77 -14.36
C3 PLP C . 2.78 16.28 -12.30
O3 PLP C . 1.63 16.64 -11.68
C4 PLP C . 4.04 16.34 -11.64
C4A PLP C . 4.12 16.85 -10.23
C5 PLP C . 5.17 15.97 -12.32
C6 PLP C . 5.08 15.54 -13.64
C5A PLP C . 6.55 16.03 -11.70
O4P PLP C . 6.86 14.87 -10.96
P PLP C . 8.05 14.91 -9.85
O1P PLP C . 9.26 15.55 -10.54
O2P PLP C . 8.32 13.45 -9.54
O3P PLP C . 7.58 15.77 -8.71
N SER D . 3.46 18.05 -9.81
CA SER D . 3.01 18.10 -8.44
C SER D . 2.08 19.30 -8.16
O SER D . 1.86 19.65 -7.02
CB SER D . 4.22 18.14 -7.52
OG SER D . 4.89 19.39 -7.67
OXT SER D . 1.51 19.89 -9.07
C1 MPD E . 6.58 22.21 -9.40
C2 MPD E . 5.75 22.34 -8.15
O2 MPD E . 4.61 21.54 -8.44
CM MPD E . 6.56 21.78 -6.99
C3 MPD E . 5.45 23.82 -7.91
C4 MPD E . 4.52 24.55 -8.89
O4 MPD E . 4.47 25.90 -8.44
C5 MPD E . 4.99 24.49 -10.33
CL CL F . 27.52 1.60 -20.66
N1 PLP G . 0.61 -15.15 15.46
C2 PLP G . -0.13 -15.62 14.41
C2A PLP G . -1.61 -15.73 14.55
C3 PLP G . 0.50 -15.99 13.22
O3 PLP G . -0.27 -16.47 12.18
C4 PLP G . 1.87 -15.89 13.10
C4A PLP G . 2.54 -16.21 11.81
C5 PLP G . 2.60 -15.39 14.17
C6 PLP G . 1.97 -15.04 15.36
C5A PLP G . 4.10 -15.26 14.14
O4P PLP G . 4.43 -13.96 13.67
P PLP G . 5.91 -13.75 13.02
O1P PLP G . 6.92 -14.15 14.03
O2P PLP G . 5.99 -12.23 12.76
O3P PLP G . 5.89 -14.56 11.76
N SER H . 2.17 -17.44 11.17
CA SER H . 2.51 -17.67 9.78
C SER H . 2.01 -19.02 9.30
O SER H . 2.10 -19.36 8.13
CB SER H . 4.01 -17.55 9.59
OG SER H . 4.64 -17.84 10.82
OXT SER H . 1.41 -19.78 10.08
C1 MPD I . 6.58 -20.71 9.71
C2 MPD I . 5.91 -21.44 10.87
O2 MPD I . 4.65 -20.78 11.03
CM MPD I . 6.82 -21.28 12.09
C3 MPD I . 5.79 -22.93 10.49
C4 MPD I . 4.98 -23.86 11.41
O4 MPD I . 5.43 -23.74 12.76
C5 MPD I . 3.49 -23.53 11.31
CL CL J . 12.71 10.13 38.48
CL CL K . 17.13 2.39 30.11
#